data_7CBF
#
_entry.id   7CBF
#
_cell.length_a   70.810
_cell.length_b   98.330
_cell.length_c   112.024
_cell.angle_alpha   90.000
_cell.angle_beta   90.000
_cell.angle_gamma   90.000
#
_symmetry.space_group_name_H-M   'P 21 21 21'
#
loop_
_entity.id
_entity.type
_entity.pdbx_description
1 polymer '2,4,6-trihydroxybenzophenone synthase'
2 non-polymer IMIDAZOLE
3 non-polymer 'IODIDE ION'
4 non-polymer GLYCEROL
5 water water
#
_entity_poly.entity_id   1
_entity_poly.type   'polypeptide(L)'
_entity_poly.pdbx_seq_one_letter_code
;MAPAMDSAQNGHQSRGSANVLAIGTANPPNVILQEDYPDFYFKVTNSEHLTDLKEKFKRICVKSKTRKRHFYLTEQILKE
NPGIATYGAGSLDSRQKILETEIPKLGKEAAMVAIQEWGQPVSKITHVVFATTSGFMMPGADYSITRLLGLNPNVRRVMI
YNQGCFAGGTALRVAKDLAENNKGARVLVVCAENTAMTFHGPNENHLDVLVGQAMFSDGAAALIIGANPNLPEERPVYEM
VAAHQTIVPESDGAIVAHFYEMGMSYFLKENVIPLFGNNIEACMEAAFKEYGISDWNSLFYSVHPGGRAIVDGIAEKLGL
DEENLKATRHVLSEYGNMGSACVIFILDELRKKSKEEKKLTTGDGKEWGCLIGLGPGLTVETVVLRSVPIAAAALEHHHH
HH
;
_entity_poly.pdbx_strand_id   A,B
#
loop_
_chem_comp.id
_chem_comp.type
_chem_comp.name
_chem_comp.formula
GOL non-polymer GLYCEROL 'C3 H8 O3'
IMD non-polymer IMIDAZOLE 'C3 H5 N2 1'
IOD non-polymer 'IODIDE ION' 'I -1'
#
# COMPACT_ATOMS: atom_id res chain seq x y z
N GLN A 13 19.95 -8.55 -10.73
CA GLN A 13 20.73 -9.80 -10.42
C GLN A 13 20.06 -11.03 -11.09
N SER A 14 18.83 -10.86 -11.57
CA SER A 14 18.20 -11.59 -12.72
C SER A 14 18.65 -13.07 -12.79
N ARG A 15 19.24 -13.46 -13.92
CA ARG A 15 19.47 -14.86 -14.39
C ARG A 15 18.18 -15.46 -14.97
N GLY A 16 17.01 -14.85 -14.74
CA GLY A 16 15.74 -15.42 -15.23
C GLY A 16 14.49 -14.72 -14.70
N SER A 17 13.34 -15.16 -15.19
CA SER A 17 12.03 -14.55 -14.91
C SER A 17 11.46 -15.07 -13.57
N ALA A 18 10.71 -14.20 -12.88
CA ALA A 18 9.91 -14.54 -11.70
C ALA A 18 8.96 -15.68 -12.09
N ASN A 19 8.92 -16.74 -11.29
CA ASN A 19 7.98 -17.87 -11.43
C ASN A 19 7.06 -17.92 -10.21
N VAL A 20 5.82 -18.36 -10.40
CA VAL A 20 4.93 -18.87 -9.33
C VAL A 20 5.44 -20.26 -8.97
N LEU A 21 5.94 -20.44 -7.74
CA LEU A 21 6.53 -21.72 -7.25
C LEU A 21 5.53 -22.50 -6.39
N ALA A 22 4.48 -21.83 -5.90
CA ALA A 22 3.46 -22.40 -5.01
C ALA A 22 2.25 -21.48 -4.93
N ILE A 23 1.08 -22.06 -4.70
CA ILE A 23 -0.22 -21.37 -4.49
C ILE A 23 -0.96 -22.11 -3.38
N GLY A 24 -1.45 -21.37 -2.38
CA GLY A 24 -2.33 -21.89 -1.32
C GLY A 24 -3.48 -20.93 -1.06
N THR A 25 -4.63 -21.43 -0.61
CA THR A 25 -5.83 -20.62 -0.32
C THR A 25 -6.40 -21.04 1.02
N ALA A 26 -7.14 -20.15 1.66
CA ALA A 26 -7.86 -20.34 2.94
C ALA A 26 -9.19 -19.61 2.86
N ASN A 27 -10.21 -20.11 3.54
CA ASN A 27 -11.49 -19.37 3.69
C ASN A 27 -11.99 -19.58 5.10
N PRO A 28 -12.75 -18.61 5.68
CA PRO A 28 -13.45 -18.83 6.94
C PRO A 28 -14.45 -19.97 6.74
N PRO A 29 -14.84 -20.70 7.80
CA PRO A 29 -15.68 -21.90 7.67
C PRO A 29 -17.18 -21.69 7.42
N ASN A 30 -17.77 -20.59 7.90
CA ASN A 30 -19.23 -20.32 7.74
C ASN A 30 -19.48 -20.13 6.25
N VAL A 31 -20.30 -21.00 5.64
CA VAL A 31 -20.72 -20.92 4.22
C VAL A 31 -22.19 -20.54 4.20
N ILE A 32 -22.58 -19.58 3.36
CA ILE A 32 -24.02 -19.31 3.07
C ILE A 32 -24.29 -19.54 1.58
N LEU A 33 -25.20 -20.46 1.26
CA LEU A 33 -25.61 -20.74 -0.13
C LEU A 33 -26.34 -19.49 -0.62
N GLN A 34 -26.15 -19.12 -1.87
CA GLN A 34 -26.78 -17.89 -2.43
C GLN A 34 -28.31 -17.98 -2.35
N GLU A 35 -28.91 -19.16 -2.55
CA GLU A 35 -30.39 -19.35 -2.53
C GLU A 35 -30.91 -18.92 -1.15
N ASP A 36 -30.07 -18.99 -0.11
CA ASP A 36 -30.43 -18.64 1.29
C ASP A 36 -30.02 -17.20 1.64
N TYR A 37 -29.21 -16.53 0.83
CA TYR A 37 -28.51 -15.28 1.25
C TYR A 37 -29.51 -14.12 1.33
N PRO A 38 -30.42 -13.92 0.36
CA PRO A 38 -31.42 -12.86 0.51
C PRO A 38 -32.20 -12.91 1.84
N ASP A 39 -32.62 -14.10 2.31
CA ASP A 39 -33.43 -14.22 3.55
C ASP A 39 -32.53 -13.88 4.74
N PHE A 40 -31.32 -14.44 4.76
CA PHE A 40 -30.27 -14.15 5.76
C PHE A 40 -30.08 -12.63 5.88
N TYR A 41 -29.77 -12.01 4.75
CA TYR A 41 -29.31 -10.59 4.68
C TYR A 41 -30.39 -9.66 5.21
N PHE A 42 -31.62 -9.82 4.74
CA PHE A 42 -32.72 -8.89 5.08
C PHE A 42 -33.15 -9.12 6.53
N LYS A 43 -32.94 -10.32 7.05
CA LYS A 43 -33.25 -10.64 8.47
C LYS A 43 -32.22 -10.01 9.42
N VAL A 44 -30.92 -10.22 9.16
CA VAL A 44 -29.83 -9.78 10.08
C VAL A 44 -29.67 -8.25 10.02
N THR A 45 -30.12 -7.61 8.93
CA THR A 45 -30.07 -6.12 8.82
C THR A 45 -31.41 -5.50 9.22
N ASN A 46 -32.33 -6.28 9.80
CA ASN A 46 -33.63 -5.77 10.34
C ASN A 46 -34.40 -5.03 9.25
N SER A 47 -34.37 -5.54 8.01
CA SER A 47 -34.83 -4.83 6.79
C SER A 47 -35.96 -5.60 6.09
N GLU A 48 -36.69 -6.43 6.82
CA GLU A 48 -37.79 -7.28 6.26
C GLU A 48 -38.87 -6.42 5.59
N HIS A 49 -39.13 -5.23 6.10
CA HIS A 49 -40.20 -4.34 5.56
C HIS A 49 -39.78 -3.75 4.20
N LEU A 50 -38.49 -3.69 3.89
CA LEU A 50 -37.98 -3.07 2.64
C LEU A 50 -38.19 -4.03 1.46
N THR A 51 -39.45 -4.29 1.14
CA THR A 51 -39.92 -5.36 0.22
C THR A 51 -39.36 -5.17 -1.19
N ASP A 52 -39.39 -3.94 -1.72
CA ASP A 52 -38.97 -3.65 -3.11
C ASP A 52 -37.46 -3.91 -3.20
N LEU A 53 -36.70 -3.57 -2.17
CA LEU A 53 -35.22 -3.81 -2.15
C LEU A 53 -34.98 -5.33 -2.03
N LYS A 54 -35.79 -6.04 -1.25
CA LYS A 54 -35.61 -7.51 -1.09
C LYS A 54 -35.83 -8.20 -2.45
N GLU A 55 -36.88 -7.85 -3.17
CA GLU A 55 -37.17 -8.43 -4.51
C GLU A 55 -36.04 -8.11 -5.48
N LYS A 56 -35.60 -6.85 -5.54
CA LYS A 56 -34.41 -6.43 -6.36
C LYS A 56 -33.23 -7.33 -5.97
N PHE A 57 -32.96 -7.46 -4.67
CA PHE A 57 -31.79 -8.21 -4.20
C PHE A 57 -31.90 -9.69 -4.60
N LYS A 58 -33.10 -10.29 -4.53
CA LYS A 58 -33.32 -11.70 -4.96
C LYS A 58 -32.90 -11.83 -6.44
N ARG A 59 -33.39 -10.94 -7.30
CA ARG A 59 -33.13 -10.97 -8.77
C ARG A 59 -31.61 -10.80 -9.01
N ILE A 60 -30.94 -9.89 -8.31
CA ILE A 60 -29.45 -9.70 -8.43
C ILE A 60 -28.75 -11.00 -8.00
N CYS A 61 -29.12 -11.56 -6.85
CA CYS A 61 -28.50 -12.81 -6.31
C CYS A 61 -28.71 -13.97 -7.28
N VAL A 62 -29.90 -14.10 -7.88
CA VAL A 62 -30.17 -15.19 -8.88
C VAL A 62 -29.24 -14.99 -10.07
N LYS A 63 -29.09 -13.75 -10.59
CA LYS A 63 -28.33 -13.45 -11.83
C LYS A 63 -26.81 -13.52 -11.57
N SER A 64 -26.40 -13.66 -10.31
CA SER A 64 -25.02 -13.42 -9.85
C SER A 64 -24.09 -14.53 -10.34
N LYS A 65 -24.62 -15.76 -10.40
CA LYS A 65 -23.84 -16.99 -10.69
C LYS A 65 -22.79 -17.25 -9.59
N THR A 66 -22.93 -16.56 -8.46
CA THR A 66 -22.36 -16.92 -7.14
C THR A 66 -23.32 -17.92 -6.47
N ARG A 67 -22.90 -19.18 -6.31
CA ARG A 67 -23.74 -20.27 -5.72
C ARG A 67 -23.49 -20.35 -4.21
N LYS A 68 -22.31 -19.94 -3.77
CA LYS A 68 -21.75 -20.24 -2.42
C LYS A 68 -20.72 -19.17 -2.04
N ARG A 69 -20.70 -18.72 -0.79
CA ARG A 69 -19.66 -17.79 -0.25
C ARG A 69 -19.29 -18.15 1.18
N HIS A 70 -18.03 -17.92 1.53
CA HIS A 70 -17.46 -18.05 2.89
C HIS A 70 -17.47 -16.66 3.54
N PHE A 71 -17.83 -16.59 4.82
CA PHE A 71 -17.80 -15.33 5.62
C PHE A 71 -17.29 -15.63 7.03
N TYR A 72 -16.43 -14.74 7.52
CA TYR A 72 -16.19 -14.55 8.97
C TYR A 72 -17.49 -14.09 9.64
N LEU A 73 -18.19 -13.10 9.07
CA LEU A 73 -19.44 -12.57 9.68
C LEU A 73 -20.46 -13.70 9.80
N THR A 74 -21.00 -13.91 10.98
CA THR A 74 -22.15 -14.82 11.23
C THR A 74 -23.29 -13.96 11.75
N GLU A 75 -24.46 -14.57 11.87
CA GLU A 75 -25.66 -14.00 12.56
C GLU A 75 -25.22 -13.56 13.97
N GLN A 76 -24.52 -14.43 14.69
CA GLN A 76 -24.03 -14.22 16.07
C GLN A 76 -23.09 -13.00 16.13
N ILE A 77 -22.13 -12.87 15.21
CA ILE A 77 -21.12 -11.78 15.24
C ILE A 77 -21.80 -10.46 14.86
N LEU A 78 -22.83 -10.47 14.02
CA LEU A 78 -23.61 -9.26 13.69
C LEU A 78 -24.46 -8.86 14.92
N LYS A 79 -24.95 -9.83 15.67
CA LYS A 79 -25.73 -9.57 16.90
C LYS A 79 -24.84 -8.84 17.90
N GLU A 80 -23.57 -9.24 18.02
CA GLU A 80 -22.58 -8.63 18.95
C GLU A 80 -22.05 -7.30 18.40
N ASN A 81 -22.19 -7.07 17.09
CA ASN A 81 -21.68 -5.84 16.40
C ASN A 81 -22.80 -5.21 15.56
N PRO A 82 -23.95 -4.85 16.16
CA PRO A 82 -25.14 -4.48 15.38
C PRO A 82 -24.98 -3.17 14.56
N GLY A 83 -24.04 -2.29 14.94
CA GLY A 83 -23.66 -1.12 14.12
C GLY A 83 -23.34 -1.53 12.67
N ILE A 84 -22.65 -2.66 12.49
CA ILE A 84 -22.21 -3.16 11.16
C ILE A 84 -23.46 -3.43 10.29
N ALA A 85 -24.55 -3.85 10.93
CA ALA A 85 -25.81 -4.31 10.28
C ALA A 85 -26.84 -3.18 10.25
N THR A 86 -26.44 -1.97 10.64
CA THR A 86 -27.31 -0.77 10.68
C THR A 86 -26.76 0.25 9.69
N TYR A 87 -27.37 0.35 8.49
CA TYR A 87 -26.88 1.21 7.40
C TYR A 87 -26.48 2.58 7.96
N GLY A 88 -25.25 3.00 7.67
CA GLY A 88 -24.78 4.38 7.91
C GLY A 88 -24.36 4.63 9.35
N ALA A 89 -24.64 3.72 10.28
CA ALA A 89 -24.21 3.86 11.69
C ALA A 89 -22.68 3.85 11.73
N GLY A 90 -22.08 4.55 12.70
CA GLY A 90 -20.65 4.49 12.99
C GLY A 90 -20.30 3.10 13.49
N SER A 91 -19.61 2.32 12.66
CA SER A 91 -19.26 0.90 12.92
C SER A 91 -17.77 0.64 12.68
N LEU A 92 -16.99 1.62 12.21
CA LEU A 92 -15.61 1.33 11.71
C LEU A 92 -14.75 0.73 12.82
N ASP A 93 -14.86 1.26 14.03
CA ASP A 93 -14.03 0.79 15.16
C ASP A 93 -14.31 -0.70 15.38
N SER A 94 -15.59 -1.09 15.40
CA SER A 94 -16.01 -2.51 15.49
C SER A 94 -15.49 -3.30 14.29
N ARG A 95 -15.52 -2.72 13.09
CA ARG A 95 -14.99 -3.41 11.88
C ARG A 95 -13.47 -3.62 12.01
N GLN A 96 -12.71 -2.60 12.44
CA GLN A 96 -11.24 -2.70 12.60
C GLN A 96 -10.90 -3.73 13.70
N LYS A 97 -11.66 -3.80 14.79
CA LYS A 97 -11.41 -4.83 15.86
C LYS A 97 -11.38 -6.24 15.23
N ILE A 98 -12.32 -6.53 14.33
CA ILE A 98 -12.41 -7.83 13.63
C ILE A 98 -11.21 -7.95 12.68
N LEU A 99 -11.06 -6.96 11.80
CA LEU A 99 -10.21 -7.06 10.58
C LEU A 99 -8.72 -7.02 10.96
N GLU A 100 -8.36 -6.24 11.98
CA GLU A 100 -6.95 -6.09 12.42
C GLU A 100 -6.34 -7.48 12.65
N THR A 101 -7.08 -8.44 13.22
CA THR A 101 -6.51 -9.78 13.55
C THR A 101 -6.96 -10.85 12.53
N GLU A 102 -8.20 -10.79 12.05
CA GLU A 102 -8.73 -11.86 11.15
C GLU A 102 -8.03 -11.84 9.78
N ILE A 103 -7.65 -10.67 9.25
CA ILE A 103 -7.02 -10.63 7.90
C ILE A 103 -5.64 -11.29 7.95
N PRO A 104 -4.74 -10.92 8.88
CA PRO A 104 -3.44 -11.59 8.98
C PRO A 104 -3.57 -13.09 9.29
N LYS A 105 -4.53 -13.45 10.15
CA LYS A 105 -4.79 -14.84 10.56
C LYS A 105 -5.20 -15.66 9.33
N LEU A 106 -6.13 -15.16 8.52
CA LEU A 106 -6.59 -15.85 7.28
C LEU A 106 -5.47 -15.85 6.25
N GLY A 107 -4.77 -14.73 6.10
CA GLY A 107 -3.59 -14.70 5.22
C GLY A 107 -2.56 -15.74 5.63
N LYS A 108 -2.35 -15.90 6.94
CA LYS A 108 -1.37 -16.87 7.48
C LYS A 108 -1.71 -18.29 7.02
N GLU A 109 -2.96 -18.73 7.22
CA GLU A 109 -3.48 -20.07 6.85
C GLU A 109 -3.29 -20.34 5.36
N ALA A 110 -3.57 -19.36 4.49
CA ALA A 110 -3.30 -19.47 3.04
C ALA A 110 -1.79 -19.65 2.82
N ALA A 111 -0.98 -18.80 3.47
CA ALA A 111 0.48 -18.79 3.32
C ALA A 111 1.02 -20.17 3.69
N MET A 112 0.51 -20.75 4.78
CA MET A 112 0.97 -22.07 5.29
C MET A 112 0.67 -23.17 4.25
N VAL A 113 -0.40 -23.03 3.47
CA VAL A 113 -0.75 -24.01 2.39
C VAL A 113 0.29 -23.84 1.26
N ALA A 114 0.58 -22.61 0.85
CA ALA A 114 1.60 -22.30 -0.19
C ALA A 114 2.98 -22.79 0.27
N ILE A 115 3.37 -22.52 1.51
CA ILE A 115 4.73 -22.87 2.03
C ILE A 115 4.88 -24.40 2.07
N GLN A 116 3.82 -25.16 2.36
CA GLN A 116 3.85 -26.64 2.38
C GLN A 116 4.11 -27.15 0.97
N GLU A 117 3.40 -26.67 -0.06
CA GLU A 117 3.66 -27.05 -1.46
C GLU A 117 5.11 -26.64 -1.85
N TRP A 118 5.55 -25.48 -1.39
CA TRP A 118 6.88 -24.91 -1.70
C TRP A 118 7.99 -25.85 -1.19
N GLY A 119 7.84 -26.38 0.02
CA GLY A 119 8.77 -27.38 0.60
C GLY A 119 10.14 -26.77 0.88
N GLN A 120 10.20 -25.48 1.26
CA GLN A 120 11.44 -24.83 1.76
C GLN A 120 11.17 -24.25 3.13
N PRO A 121 12.19 -24.10 4.02
CA PRO A 121 12.00 -23.43 5.30
C PRO A 121 11.66 -21.94 5.09
N VAL A 122 10.89 -21.35 6.00
CA VAL A 122 10.41 -19.94 5.84
C VAL A 122 11.57 -18.96 6.00
N SER A 123 12.71 -19.40 6.52
CA SER A 123 13.98 -18.62 6.58
C SER A 123 14.47 -18.29 5.16
N LYS A 124 14.04 -19.02 4.12
CA LYS A 124 14.42 -18.73 2.71
C LYS A 124 13.61 -17.54 2.15
N ILE A 125 12.50 -17.17 2.79
CA ILE A 125 11.66 -16.02 2.39
C ILE A 125 12.40 -14.73 2.70
N THR A 126 12.57 -13.88 1.68
CA THR A 126 13.35 -12.61 1.72
C THR A 126 12.43 -11.39 1.65
N HIS A 127 11.23 -11.57 1.07
CA HIS A 127 10.27 -10.47 0.80
C HIS A 127 8.84 -10.91 1.09
N VAL A 128 8.01 -9.96 1.50
CA VAL A 128 6.56 -10.20 1.75
C VAL A 128 5.78 -9.07 1.07
N VAL A 129 4.88 -9.45 0.16
CA VAL A 129 3.87 -8.54 -0.45
C VAL A 129 2.49 -8.97 0.05
N PHE A 130 1.82 -8.06 0.77
CA PHE A 130 0.46 -8.27 1.34
C PHE A 130 -0.48 -7.21 0.74
N ALA A 131 -1.55 -7.68 0.10
CA ALA A 131 -2.63 -6.86 -0.49
C ALA A 131 -3.92 -7.15 0.27
N THR A 132 -4.57 -6.07 0.73
CA THR A 132 -5.93 -6.13 1.31
C THR A 132 -6.55 -4.73 1.30
N THR A 133 -7.87 -4.66 1.19
CA THR A 133 -8.68 -3.43 1.32
C THR A 133 -9.57 -3.59 2.56
N SER A 134 -9.36 -4.69 3.28
CA SER A 134 -10.25 -5.18 4.35
C SER A 134 -9.63 -4.85 5.71
N GLY A 135 -9.69 -3.58 6.09
CA GLY A 135 -9.15 -3.07 7.35
C GLY A 135 -7.68 -2.71 7.21
N PHE A 136 -7.23 -1.79 8.06
CA PHE A 136 -5.86 -1.21 8.02
C PHE A 136 -5.51 -0.66 9.41
N MET A 137 -4.25 -0.86 9.78
CA MET A 137 -3.62 -0.32 11.01
CA MET A 137 -3.62 -0.33 11.01
C MET A 137 -2.10 -0.30 10.85
N MET A 138 -1.41 0.31 11.82
CA MET A 138 0.06 0.34 11.87
C MET A 138 0.47 -0.28 13.21
N PRO A 139 1.33 -1.33 13.20
CA PRO A 139 1.85 -1.87 11.94
C PRO A 139 0.82 -2.73 11.20
N GLY A 140 1.01 -2.88 9.88
CA GLY A 140 0.01 -3.46 8.96
C GLY A 140 0.00 -4.98 8.97
N ALA A 141 -0.77 -5.57 8.05
CA ALA A 141 -0.93 -7.04 7.94
C ALA A 141 0.41 -7.68 7.55
N ASP A 142 1.25 -6.96 6.81
CA ASP A 142 2.59 -7.49 6.40
C ASP A 142 3.38 -7.84 7.66
N TYR A 143 3.36 -6.95 8.66
CA TYR A 143 4.11 -7.10 9.93
C TYR A 143 3.56 -8.33 10.65
N SER A 144 2.24 -8.41 10.74
CA SER A 144 1.51 -9.45 11.51
C SER A 144 1.83 -10.84 10.94
N ILE A 145 1.73 -11.04 9.61
CA ILE A 145 1.99 -12.41 9.08
C ILE A 145 3.47 -12.72 9.21
N THR A 146 4.34 -11.72 9.14
CA THR A 146 5.79 -11.88 9.33
C THR A 146 5.98 -12.51 10.72
N ARG A 147 5.32 -11.92 11.73
CA ARG A 147 5.35 -12.40 13.13
C ARG A 147 4.69 -13.79 13.26
N LEU A 148 3.49 -13.98 12.70
CA LEU A 148 2.75 -15.27 12.81
C LEU A 148 3.51 -16.41 12.12
N LEU A 149 4.25 -16.12 11.04
CA LEU A 149 4.97 -17.17 10.28
C LEU A 149 6.40 -17.37 10.82
N GLY A 150 6.85 -16.50 11.74
CA GLY A 150 8.23 -16.50 12.26
C GLY A 150 9.24 -16.31 11.15
N LEU A 151 8.98 -15.37 10.25
CA LEU A 151 9.92 -15.04 9.16
C LEU A 151 11.11 -14.35 9.79
N ASN A 152 12.23 -14.33 9.07
CA ASN A 152 13.41 -13.52 9.43
C ASN A 152 12.95 -12.08 9.63
N PRO A 153 13.25 -11.42 10.77
CA PRO A 153 12.84 -10.03 10.97
C PRO A 153 13.26 -9.06 9.87
N ASN A 154 14.27 -9.38 9.07
CA ASN A 154 14.81 -8.47 8.02
C ASN A 154 14.18 -8.78 6.65
N VAL A 155 12.99 -9.40 6.62
CA VAL A 155 12.23 -9.54 5.36
C VAL A 155 11.89 -8.14 4.84
N ARG A 156 11.88 -7.98 3.53
CA ARG A 156 11.55 -6.68 2.89
C ARG A 156 10.07 -6.70 2.55
N ARG A 157 9.29 -5.85 3.21
CA ARG A 157 7.80 -5.89 3.15
C ARG A 157 7.27 -4.79 2.22
N VAL A 158 6.30 -5.15 1.37
CA VAL A 158 5.45 -4.21 0.59
C VAL A 158 3.98 -4.47 0.95
N MET A 159 3.44 -3.61 1.80
CA MET A 159 2.02 -3.58 2.25
C MET A 159 1.20 -2.80 1.21
N ILE A 160 0.35 -3.49 0.46
CA ILE A 160 -0.55 -2.87 -0.54
C ILE A 160 -1.95 -2.78 0.06
N TYR A 161 -2.24 -1.66 0.73
CA TYR A 161 -3.57 -1.33 1.32
C TYR A 161 -4.48 -0.59 0.32
N ASN A 162 -5.75 -0.99 0.29
CA ASN A 162 -6.91 -0.20 -0.23
C ASN A 162 -6.79 0.01 -1.74
N GLN A 163 -6.32 -0.99 -2.47
CA GLN A 163 -6.23 -0.95 -3.96
C GLN A 163 -7.44 -1.65 -4.58
N GLY A 164 -8.30 -2.28 -3.79
CA GLY A 164 -9.54 -2.89 -4.32
C GLY A 164 -9.25 -4.07 -5.24
N CYS A 165 -10.07 -4.28 -6.27
CA CYS A 165 -10.24 -5.60 -6.92
C CYS A 165 -9.15 -5.90 -7.97
N PHE A 166 -8.24 -4.95 -8.24
CA PHE A 166 -7.10 -5.15 -9.18
C PHE A 166 -5.81 -5.51 -8.43
N ALA A 167 -5.83 -5.51 -7.09
CA ALA A 167 -4.65 -5.61 -6.20
C ALA A 167 -3.94 -6.97 -6.36
N GLY A 168 -4.67 -8.03 -6.70
CA GLY A 168 -4.09 -9.34 -7.06
C GLY A 168 -3.03 -9.18 -8.14
N GLY A 169 -3.35 -8.39 -9.17
CA GLY A 169 -2.44 -8.00 -10.26
C GLY A 169 -1.29 -7.16 -9.76
N THR A 170 -1.59 -6.13 -8.97
CA THR A 170 -0.55 -5.22 -8.38
C THR A 170 0.46 -6.07 -7.60
N ALA A 171 -0.05 -6.98 -6.77
CA ALA A 171 0.77 -7.82 -5.86
C ALA A 171 1.77 -8.66 -6.68
N LEU A 172 1.34 -9.27 -7.79
CA LEU A 172 2.24 -10.07 -8.66
C LEU A 172 3.22 -9.14 -9.38
N ARG A 173 2.78 -7.94 -9.77
CA ARG A 173 3.62 -6.97 -10.52
C ARG A 173 4.76 -6.50 -9.62
N VAL A 174 4.45 -6.18 -8.36
CA VAL A 174 5.47 -5.82 -7.32
C VAL A 174 6.38 -7.03 -7.08
N ALA A 175 5.81 -8.22 -6.85
CA ALA A 175 6.57 -9.47 -6.59
C ALA A 175 7.56 -9.76 -7.73
N LYS A 176 7.14 -9.46 -8.98
CA LYS A 176 7.93 -9.71 -10.20
C LYS A 176 9.24 -8.92 -10.12
N ASP A 177 9.13 -7.62 -9.82
CA ASP A 177 10.30 -6.71 -9.72
C ASP A 177 11.17 -7.12 -8.52
N LEU A 178 10.56 -7.48 -7.37
CA LEU A 178 11.34 -7.88 -6.16
C LEU A 178 12.13 -9.16 -6.43
N ALA A 179 11.51 -10.15 -7.08
CA ALA A 179 12.10 -11.48 -7.34
C ALA A 179 13.18 -11.42 -8.43
N GLU A 180 13.02 -10.58 -9.45
CA GLU A 180 13.92 -10.52 -10.63
C GLU A 180 15.11 -9.61 -10.33
N ASN A 181 14.97 -8.65 -9.42
CA ASN A 181 16.03 -7.65 -9.13
C ASN A 181 16.89 -8.12 -7.94
N ASN A 182 16.51 -9.19 -7.24
CA ASN A 182 17.23 -9.67 -6.03
C ASN A 182 17.55 -11.16 -6.18
N LYS A 183 18.83 -11.47 -6.38
CA LYS A 183 19.36 -12.85 -6.59
C LYS A 183 19.05 -13.67 -5.34
N GLY A 184 18.39 -14.81 -5.51
CA GLY A 184 17.98 -15.73 -4.45
C GLY A 184 16.68 -15.35 -3.78
N ALA A 185 16.06 -14.22 -4.16
CA ALA A 185 14.87 -13.68 -3.47
C ALA A 185 13.70 -14.65 -3.61
N ARG A 186 13.00 -14.89 -2.51
CA ARG A 186 11.73 -15.66 -2.48
C ARG A 186 10.65 -14.78 -1.85
N VAL A 187 9.64 -14.41 -2.65
CA VAL A 187 8.61 -13.42 -2.24
C VAL A 187 7.35 -14.19 -1.84
N LEU A 188 6.94 -14.06 -0.58
CA LEU A 188 5.61 -14.51 -0.13
C LEU A 188 4.63 -13.40 -0.51
N VAL A 189 3.66 -13.72 -1.35
CA VAL A 189 2.57 -12.82 -1.78
C VAL A 189 1.31 -13.33 -1.09
N VAL A 190 0.61 -12.46 -0.37
CA VAL A 190 -0.67 -12.81 0.29
C VAL A 190 -1.70 -11.76 -0.11
N CYS A 191 -2.84 -12.21 -0.61
CA CYS A 191 -4.06 -11.40 -0.84
C CYS A 191 -5.17 -11.94 0.06
N ALA A 192 -5.77 -11.10 0.91
CA ALA A 192 -6.82 -11.49 1.87
C ALA A 192 -7.93 -10.44 1.84
N GLU A 193 -9.19 -10.86 1.91
CA GLU A 193 -10.33 -9.92 2.04
C GLU A 193 -11.35 -10.50 3.02
N ASN A 194 -12.03 -9.61 3.75
CA ASN A 194 -13.03 -9.94 4.80
C ASN A 194 -14.15 -8.91 4.68
N THR A 195 -15.39 -9.36 4.48
CA THR A 195 -16.55 -8.47 4.18
C THR A 195 -16.96 -7.65 5.41
N ALA A 196 -16.29 -7.81 6.55
CA ALA A 196 -16.44 -6.92 7.72
C ALA A 196 -16.15 -5.47 7.34
N MET A 197 -15.33 -5.21 6.30
CA MET A 197 -15.05 -3.83 5.86
CA MET A 197 -15.03 -3.85 5.79
C MET A 197 -16.20 -3.30 4.99
N THR A 198 -16.87 -4.18 4.22
CA THR A 198 -17.83 -3.75 3.15
C THR A 198 -19.30 -4.04 3.49
N PHE A 199 -19.58 -4.83 4.51
CA PHE A 199 -20.98 -5.22 4.85
C PHE A 199 -21.78 -3.96 5.20
N HIS A 200 -22.86 -3.72 4.46
CA HIS A 200 -23.87 -2.68 4.78
C HIS A 200 -25.28 -3.26 4.66
N GLY A 201 -26.15 -2.86 5.58
CA GLY A 201 -27.60 -3.05 5.47
C GLY A 201 -28.16 -2.33 4.25
N PRO A 202 -29.34 -2.75 3.77
CA PRO A 202 -29.93 -2.16 2.57
C PRO A 202 -30.47 -0.76 2.88
N ASN A 203 -30.56 0.09 1.85
CA ASN A 203 -30.96 1.51 1.99
C ASN A 203 -31.45 2.03 0.63
N GLU A 204 -32.62 2.66 0.61
CA GLU A 204 -33.27 3.23 -0.60
C GLU A 204 -32.39 4.31 -1.26
N ASN A 205 -31.43 4.90 -0.54
CA ASN A 205 -30.54 5.99 -1.05
C ASN A 205 -29.12 5.48 -1.36
N HIS A 206 -28.86 4.18 -1.31
CA HIS A 206 -27.53 3.61 -1.62
C HIS A 206 -27.72 2.22 -2.26
N LEU A 207 -28.16 2.19 -3.52
CA LEU A 207 -28.55 0.94 -4.22
C LEU A 207 -27.32 0.09 -4.54
N ASP A 208 -26.15 0.71 -4.66
CA ASP A 208 -24.87 0.03 -5.03
C ASP A 208 -24.51 -1.01 -3.96
N VAL A 209 -24.99 -0.81 -2.72
CA VAL A 209 -24.89 -1.79 -1.60
C VAL A 209 -25.49 -3.14 -2.02
N LEU A 210 -26.60 -3.14 -2.75
CA LEU A 210 -27.24 -4.41 -3.19
C LEU A 210 -26.34 -5.17 -4.16
N VAL A 211 -25.56 -4.46 -4.96
CA VAL A 211 -24.66 -5.08 -5.97
C VAL A 211 -23.50 -5.78 -5.23
N GLY A 212 -22.87 -5.08 -4.30
CA GLY A 212 -21.75 -5.62 -3.53
C GLY A 212 -22.18 -6.80 -2.68
N GLN A 213 -23.35 -6.69 -2.02
CA GLN A 213 -23.85 -7.73 -1.08
C GLN A 213 -24.14 -9.05 -1.82
N ALA A 214 -24.40 -9.00 -3.12
CA ALA A 214 -24.65 -10.19 -3.96
C ALA A 214 -23.36 -10.98 -4.24
N MET A 215 -22.19 -10.35 -4.08
CA MET A 215 -20.86 -10.69 -4.65
C MET A 215 -19.80 -10.91 -3.55
N PHE A 216 -19.55 -9.88 -2.75
CA PHE A 216 -18.38 -9.74 -1.86
C PHE A 216 -18.37 -10.89 -0.86
N SER A 217 -17.19 -11.46 -0.67
CA SER A 217 -16.97 -12.67 0.16
C SER A 217 -15.57 -12.66 0.77
N ASP A 218 -15.28 -13.65 1.62
CA ASP A 218 -14.00 -13.78 2.35
C ASP A 218 -13.13 -14.87 1.72
N GLY A 219 -11.84 -14.62 1.67
CA GLY A 219 -10.86 -15.60 1.20
C GLY A 219 -9.49 -15.01 1.31
N ALA A 220 -8.49 -15.86 1.40
CA ALA A 220 -7.07 -15.49 1.34
C ALA A 220 -6.40 -16.43 0.36
N ALA A 221 -5.44 -15.92 -0.40
CA ALA A 221 -4.62 -16.70 -1.33
C ALA A 221 -3.16 -16.28 -1.16
N ALA A 222 -2.24 -17.24 -1.24
CA ALA A 222 -0.79 -16.98 -1.02
C ALA A 222 0.01 -17.56 -2.18
N LEU A 223 1.11 -16.91 -2.54
CA LEU A 223 2.05 -17.47 -3.54
C LEU A 223 3.46 -17.37 -3.00
N ILE A 224 4.34 -18.26 -3.45
CA ILE A 224 5.81 -18.07 -3.39
C ILE A 224 6.25 -17.68 -4.81
N ILE A 225 6.84 -16.50 -4.95
CA ILE A 225 7.36 -15.99 -6.26
C ILE A 225 8.88 -15.98 -6.19
N GLY A 226 9.56 -16.57 -7.18
CA GLY A 226 11.01 -16.51 -7.26
C GLY A 226 11.49 -16.82 -8.66
N ALA A 227 12.58 -16.20 -9.10
CA ALA A 227 13.35 -16.58 -10.31
C ALA A 227 14.31 -17.71 -9.95
N ASN A 228 14.71 -18.54 -10.91
CA ASN A 228 15.78 -19.55 -10.78
C ASN A 228 15.37 -20.62 -9.76
N PRO A 229 14.37 -21.47 -10.08
CA PRO A 229 13.92 -22.51 -9.17
C PRO A 229 15.09 -23.43 -8.83
N ASN A 230 15.05 -24.01 -7.63
CA ASN A 230 16.05 -24.97 -7.10
C ASN A 230 15.38 -26.33 -6.89
N LEU A 231 15.73 -27.31 -7.73
CA LEU A 231 15.35 -28.74 -7.52
C LEU A 231 16.19 -29.31 -6.39
N PRO A 232 15.70 -30.37 -5.70
CA PRO A 232 14.43 -31.02 -6.05
C PRO A 232 13.16 -30.39 -5.43
N GLU A 233 13.30 -29.45 -4.47
CA GLU A 233 12.12 -28.99 -3.70
C GLU A 233 11.23 -28.06 -4.55
N GLU A 234 11.82 -27.16 -5.33
CA GLU A 234 11.07 -26.08 -6.03
C GLU A 234 10.73 -26.51 -7.46
N ARG A 235 9.48 -26.30 -7.86
CA ARG A 235 8.99 -26.51 -9.25
C ARG A 235 8.15 -25.30 -9.61
N PRO A 236 8.36 -24.70 -10.80
CA PRO A 236 7.49 -23.62 -11.26
C PRO A 236 6.09 -24.14 -11.62
N VAL A 237 5.06 -23.34 -11.35
CA VAL A 237 3.66 -23.59 -11.76
C VAL A 237 3.33 -22.67 -12.93
N TYR A 238 3.72 -21.39 -12.85
CA TYR A 238 3.59 -20.39 -13.94
C TYR A 238 4.88 -19.57 -14.05
N GLU A 239 5.19 -19.10 -15.26
CA GLU A 239 6.25 -18.09 -15.51
C GLU A 239 5.55 -16.74 -15.70
N MET A 240 6.01 -15.69 -14.99
CA MET A 240 5.56 -14.28 -15.20
C MET A 240 6.46 -13.64 -16.25
N VAL A 241 5.88 -13.26 -17.39
CA VAL A 241 6.63 -12.75 -18.57
C VAL A 241 6.64 -11.22 -18.52
N ALA A 242 5.51 -10.63 -18.11
CA ALA A 242 5.32 -9.16 -18.13
C ALA A 242 4.12 -8.80 -17.26
N ALA A 243 4.13 -7.58 -16.73
CA ALA A 243 3.06 -7.03 -15.87
C ALA A 243 2.87 -5.57 -16.26
N HIS A 244 1.64 -5.23 -16.65
CA HIS A 244 1.20 -3.93 -17.20
C HIS A 244 0.06 -3.41 -16.32
N GLN A 245 -0.09 -2.08 -16.25
CA GLN A 245 -1.20 -1.41 -15.53
C GLN A 245 -1.66 -0.22 -16.38
N THR A 246 -2.97 0.02 -16.50
CA THR A 246 -3.51 1.12 -17.33
C THR A 246 -4.82 1.67 -16.74
N ILE A 247 -5.04 2.97 -16.94
CA ILE A 247 -6.33 3.68 -16.67
C ILE A 247 -7.18 3.53 -17.93
N VAL A 248 -8.38 2.98 -17.80
CA VAL A 248 -9.35 2.90 -18.92
C VAL A 248 -9.73 4.33 -19.30
N PRO A 249 -9.64 4.72 -20.59
CA PRO A 249 -10.02 6.07 -21.01
C PRO A 249 -11.49 6.37 -20.67
N GLU A 250 -11.78 7.62 -20.29
CA GLU A 250 -13.17 8.14 -20.11
C GLU A 250 -13.83 7.43 -18.93
N SER A 251 -13.04 6.93 -17.97
CA SER A 251 -13.55 6.04 -16.89
C SER A 251 -13.62 6.78 -15.56
N ASP A 252 -13.24 8.07 -15.50
CA ASP A 252 -13.12 8.77 -14.20
C ASP A 252 -14.46 8.68 -13.47
N GLY A 253 -14.45 8.14 -12.25
CA GLY A 253 -15.56 8.19 -11.29
C GLY A 253 -16.46 6.97 -11.38
N ALA A 254 -16.11 5.98 -12.19
CA ALA A 254 -17.00 4.83 -12.46
C ALA A 254 -17.12 3.96 -11.21
N ILE A 255 -16.00 3.81 -10.48
CA ILE A 255 -15.94 3.14 -9.15
C ILE A 255 -15.24 4.07 -8.18
N VAL A 256 -15.96 4.48 -7.13
CA VAL A 256 -15.43 5.32 -6.02
C VAL A 256 -15.69 4.56 -4.71
N ALA A 257 -14.68 4.47 -3.85
CA ALA A 257 -14.84 3.96 -2.48
C ALA A 257 -14.23 4.96 -1.49
N HIS A 258 -15.02 5.34 -0.49
CA HIS A 258 -14.57 6.13 0.69
C HIS A 258 -14.44 5.21 1.90
N PHE A 259 -13.47 5.48 2.75
CA PHE A 259 -13.27 4.77 4.03
C PHE A 259 -13.80 5.70 5.13
N TYR A 260 -15.08 5.53 5.45
CA TYR A 260 -15.88 6.40 6.34
C TYR A 260 -16.13 5.70 7.68
N GLU A 261 -16.81 6.41 8.58
CA GLU A 261 -17.13 5.94 9.95
C GLU A 261 -18.08 4.73 9.86
N MET A 262 -18.83 4.63 8.76
CA MET A 262 -19.84 3.56 8.52
C MET A 262 -19.16 2.31 7.92
N GLY A 263 -17.86 2.41 7.61
CA GLY A 263 -17.13 1.38 6.86
C GLY A 263 -16.82 1.84 5.44
N MET A 264 -16.50 0.91 4.55
CA MET A 264 -16.15 1.24 3.14
C MET A 264 -17.44 1.50 2.37
N SER A 265 -17.68 2.78 2.05
CA SER A 265 -18.88 3.24 1.32
C SER A 265 -18.48 3.38 -0.15
N TYR A 266 -19.01 2.51 -1.00
CA TYR A 266 -18.61 2.35 -2.42
C TYR A 266 -19.79 2.69 -3.35
N PHE A 267 -19.48 3.18 -4.54
CA PHE A 267 -20.45 3.66 -5.58
C PHE A 267 -20.03 3.13 -6.94
N LEU A 268 -20.88 2.28 -7.53
CA LEU A 268 -20.58 1.48 -8.74
C LEU A 268 -21.49 1.93 -9.88
N LYS A 269 -21.05 2.87 -10.74
CA LYS A 269 -21.82 3.35 -11.92
C LYS A 269 -22.22 2.19 -12.85
N GLU A 270 -23.35 2.34 -13.55
CA GLU A 270 -23.90 1.37 -14.54
C GLU A 270 -22.85 1.06 -15.62
N ASN A 271 -22.19 2.08 -16.15
CA ASN A 271 -21.32 2.00 -17.35
C ASN A 271 -19.95 1.38 -17.04
N VAL A 272 -19.75 0.83 -15.83
CA VAL A 272 -18.49 0.10 -15.49
C VAL A 272 -18.26 -1.03 -16.50
N ILE A 273 -19.31 -1.79 -16.82
CA ILE A 273 -19.20 -3.03 -17.63
C ILE A 273 -18.82 -2.67 -19.07
N PRO A 274 -19.54 -1.75 -19.78
CA PRO A 274 -19.08 -1.27 -21.08
C PRO A 274 -17.69 -0.60 -21.09
N LEU A 275 -17.32 0.16 -20.06
CA LEU A 275 -15.99 0.81 -20.00
C LEU A 275 -14.89 -0.27 -20.04
N PHE A 276 -15.00 -1.32 -19.22
CA PHE A 276 -14.04 -2.45 -19.21
C PHE A 276 -14.14 -3.22 -20.54
N GLY A 277 -15.35 -3.61 -20.93
CA GLY A 277 -15.59 -4.41 -22.14
C GLY A 277 -15.02 -3.77 -23.38
N ASN A 278 -15.23 -2.46 -23.54
CA ASN A 278 -14.92 -1.71 -24.80
C ASN A 278 -13.44 -1.35 -24.84
N ASN A 279 -12.67 -1.61 -23.79
CA ASN A 279 -11.24 -1.24 -23.79
C ASN A 279 -10.37 -2.48 -23.52
N ILE A 280 -10.94 -3.64 -23.19
CA ILE A 280 -10.15 -4.84 -22.80
C ILE A 280 -9.30 -5.31 -23.99
N GLU A 281 -9.84 -5.27 -25.23
CA GLU A 281 -9.10 -5.72 -26.43
C GLU A 281 -7.81 -4.89 -26.59
N ALA A 282 -7.85 -3.59 -26.29
CA ALA A 282 -6.68 -2.69 -26.40
C ALA A 282 -5.64 -3.08 -25.35
N CYS A 283 -6.09 -3.53 -24.18
CA CYS A 283 -5.19 -4.02 -23.09
C CYS A 283 -4.52 -5.32 -23.55
N MET A 284 -5.26 -6.20 -24.21
CA MET A 284 -4.71 -7.50 -24.68
C MET A 284 -3.68 -7.23 -25.77
N GLU A 285 -3.99 -6.34 -26.72
CA GLU A 285 -3.06 -5.92 -27.81
C GLU A 285 -1.77 -5.36 -27.19
N ALA A 286 -1.90 -4.41 -26.27
CA ALA A 286 -0.74 -3.72 -25.65
C ALA A 286 0.19 -4.76 -25.02
N ALA A 287 -0.39 -5.78 -24.37
CA ALA A 287 0.33 -6.83 -23.63
C ALA A 287 0.89 -7.91 -24.57
N PHE A 288 0.17 -8.29 -25.63
CA PHE A 288 0.50 -9.51 -26.43
C PHE A 288 1.04 -9.20 -27.83
N LYS A 289 0.94 -7.97 -28.32
CA LYS A 289 1.43 -7.60 -29.68
C LYS A 289 2.90 -8.06 -29.84
N GLU A 290 3.78 -7.73 -28.90
CA GLU A 290 5.25 -7.99 -29.03
C GLU A 290 5.53 -9.50 -29.14
N TYR A 291 4.65 -10.37 -28.64
CA TYR A 291 4.84 -11.85 -28.66
C TYR A 291 4.18 -12.42 -29.92
N GLY A 292 3.64 -11.54 -30.77
CA GLY A 292 3.01 -11.94 -32.04
C GLY A 292 1.72 -12.70 -31.84
N ILE A 293 1.08 -12.57 -30.66
CA ILE A 293 -0.20 -13.27 -30.34
C ILE A 293 -1.37 -12.29 -30.51
N SER A 294 -2.42 -12.73 -31.22
CA SER A 294 -3.68 -11.96 -31.47
C SER A 294 -4.93 -12.82 -31.24
N ASP A 295 -4.79 -14.15 -31.15
CA ASP A 295 -5.94 -15.09 -31.00
C ASP A 295 -6.23 -15.26 -29.50
N TRP A 296 -7.15 -14.47 -28.98
CA TRP A 296 -7.40 -14.36 -27.52
C TRP A 296 -7.91 -15.69 -26.99
N ASN A 297 -8.56 -16.49 -27.84
CA ASN A 297 -9.17 -17.77 -27.40
C ASN A 297 -8.09 -18.86 -27.27
N SER A 298 -6.88 -18.63 -27.79
CA SER A 298 -5.74 -19.59 -27.66
C SER A 298 -4.99 -19.36 -26.35
N LEU A 299 -5.38 -18.38 -25.55
CA LEU A 299 -4.74 -18.11 -24.24
C LEU A 299 -5.56 -18.77 -23.14
N PHE A 300 -4.92 -19.06 -22.00
CA PHE A 300 -5.61 -19.41 -20.72
C PHE A 300 -5.77 -18.12 -19.89
N TYR A 301 -6.74 -18.11 -18.97
CA TYR A 301 -7.22 -16.89 -18.28
C TYR A 301 -7.45 -17.11 -16.78
N SER A 302 -6.98 -16.15 -16.02
CA SER A 302 -7.53 -15.76 -14.70
C SER A 302 -8.07 -14.33 -14.83
N VAL A 303 -9.40 -14.19 -14.88
CA VAL A 303 -10.08 -12.87 -15.02
C VAL A 303 -10.74 -12.56 -13.68
N HIS A 304 -10.52 -11.37 -13.13
CA HIS A 304 -11.14 -10.97 -11.83
C HIS A 304 -12.66 -11.06 -11.96
N PRO A 305 -13.32 -11.96 -11.21
CA PRO A 305 -14.76 -12.18 -11.34
C PRO A 305 -15.53 -11.13 -10.54
N GLY A 306 -15.49 -9.88 -11.01
CA GLY A 306 -16.15 -8.73 -10.36
C GLY A 306 -17.64 -8.76 -10.61
N GLY A 307 -18.27 -9.94 -10.47
CA GLY A 307 -19.67 -10.17 -10.86
C GLY A 307 -19.80 -10.76 -12.27
N ARG A 308 -20.86 -11.53 -12.48
CA ARG A 308 -21.22 -12.24 -13.73
C ARG A 308 -21.11 -11.32 -14.95
N ALA A 309 -21.63 -10.09 -14.86
CA ALA A 309 -21.83 -9.20 -16.03
C ALA A 309 -20.48 -8.77 -16.61
N ILE A 310 -19.47 -8.51 -15.77
CA ILE A 310 -18.14 -8.06 -16.25
C ILE A 310 -17.45 -9.24 -16.95
N VAL A 311 -17.53 -10.44 -16.41
CA VAL A 311 -16.90 -11.65 -17.02
C VAL A 311 -17.56 -11.91 -18.39
N ASP A 312 -18.89 -11.98 -18.42
CA ASP A 312 -19.69 -12.17 -19.67
C ASP A 312 -19.30 -11.13 -20.72
N GLY A 313 -19.16 -9.85 -20.34
CA GLY A 313 -18.83 -8.75 -21.27
C GLY A 313 -17.42 -8.89 -21.84
N ILE A 314 -16.43 -9.24 -21.00
CA ILE A 314 -15.03 -9.49 -21.49
C ILE A 314 -15.07 -10.71 -22.42
N ALA A 315 -15.79 -11.78 -22.05
CA ALA A 315 -16.00 -12.97 -22.89
C ALA A 315 -16.46 -12.55 -24.31
N GLU A 316 -17.50 -11.72 -24.41
CA GLU A 316 -18.10 -11.34 -25.71
C GLU A 316 -17.09 -10.52 -26.53
N LYS A 317 -16.37 -9.60 -25.90
CA LYS A 317 -15.48 -8.65 -26.63
C LYS A 317 -14.18 -9.32 -27.08
N LEU A 318 -13.70 -10.34 -26.36
CA LEU A 318 -12.46 -11.09 -26.71
C LEU A 318 -12.79 -12.37 -27.49
N GLY A 319 -14.06 -12.78 -27.56
CA GLY A 319 -14.46 -14.05 -28.19
C GLY A 319 -13.98 -15.27 -27.39
N LEU A 320 -14.00 -15.20 -26.07
CA LEU A 320 -13.51 -16.33 -25.22
C LEU A 320 -14.60 -17.39 -25.11
N ASP A 321 -14.27 -18.67 -25.30
N ASP A 321 -14.21 -18.67 -25.28
CA ASP A 321 -15.26 -19.77 -25.19
CA ASP A 321 -15.05 -19.89 -25.15
C ASP A 321 -15.42 -20.16 -23.72
C ASP A 321 -15.45 -20.11 -23.68
N GLU A 322 -16.39 -21.04 -23.44
CA GLU A 322 -16.75 -21.55 -22.10
C GLU A 322 -15.52 -22.24 -21.48
N GLU A 323 -14.68 -22.85 -22.31
CA GLU A 323 -13.46 -23.55 -21.85
C GLU A 323 -12.51 -22.53 -21.21
N ASN A 324 -12.25 -21.40 -21.87
CA ASN A 324 -11.31 -20.36 -21.38
C ASN A 324 -11.73 -19.85 -20.00
N LEU A 325 -13.02 -19.67 -19.73
CA LEU A 325 -13.50 -18.95 -18.53
C LEU A 325 -14.01 -19.90 -17.44
N LYS A 326 -13.90 -21.22 -17.60
CA LYS A 326 -14.52 -22.15 -16.61
C LYS A 326 -13.82 -22.02 -15.25
N ALA A 327 -12.49 -21.87 -15.20
CA ALA A 327 -11.74 -21.67 -13.93
C ALA A 327 -12.27 -20.41 -13.23
N THR A 328 -12.32 -19.28 -13.95
CA THR A 328 -12.86 -17.97 -13.46
C THR A 328 -14.28 -18.14 -12.92
N ARG A 329 -15.16 -18.78 -13.69
CA ARG A 329 -16.61 -18.89 -13.33
C ARG A 329 -16.79 -19.90 -12.22
N HIS A 330 -15.91 -20.91 -12.14
CA HIS A 330 -15.88 -21.90 -11.03
C HIS A 330 -15.66 -21.14 -9.72
N VAL A 331 -14.67 -20.24 -9.71
CA VAL A 331 -14.30 -19.49 -8.48
C VAL A 331 -15.44 -18.51 -8.16
N LEU A 332 -15.99 -17.81 -9.15
CA LEU A 332 -17.13 -16.89 -8.87
C LEU A 332 -18.26 -17.74 -8.29
N SER A 333 -18.49 -18.92 -8.85
CA SER A 333 -19.60 -19.80 -8.42
C SER A 333 -19.41 -20.27 -6.97
N GLU A 334 -18.21 -20.79 -6.64
CA GLU A 334 -17.97 -21.54 -5.38
C GLU A 334 -17.47 -20.60 -4.26
N TYR A 335 -17.02 -19.38 -4.59
CA TYR A 335 -16.36 -18.47 -3.60
C TYR A 335 -16.93 -17.06 -3.62
N GLY A 336 -17.45 -16.61 -4.76
CA GLY A 336 -17.93 -15.22 -4.92
C GLY A 336 -16.76 -14.29 -5.12
N ASN A 337 -16.97 -12.99 -4.93
CA ASN A 337 -15.95 -11.97 -5.25
C ASN A 337 -15.12 -11.74 -3.99
N MET A 338 -13.99 -12.43 -3.86
CA MET A 338 -13.10 -12.33 -2.68
C MET A 338 -12.07 -11.22 -2.92
N GLY A 339 -12.42 -10.21 -3.73
CA GLY A 339 -11.54 -9.05 -3.97
C GLY A 339 -10.19 -9.47 -4.54
N SER A 340 -9.10 -9.05 -3.90
CA SER A 340 -7.70 -9.23 -4.39
C SER A 340 -7.39 -10.72 -4.61
N ALA A 341 -7.98 -11.59 -3.80
CA ALA A 341 -7.64 -13.02 -3.73
C ALA A 341 -8.11 -13.79 -4.96
N CYS A 342 -9.19 -13.35 -5.62
CA CYS A 342 -9.91 -14.12 -6.66
C CYS A 342 -8.97 -14.62 -7.77
N VAL A 343 -8.19 -13.73 -8.36
CA VAL A 343 -7.27 -14.08 -9.47
C VAL A 343 -6.27 -15.16 -9.02
N ILE A 344 -5.90 -15.19 -7.75
CA ILE A 344 -4.95 -16.22 -7.23
C ILE A 344 -5.69 -17.54 -7.07
N PHE A 345 -6.91 -17.54 -6.55
CA PHE A 345 -7.75 -18.77 -6.48
C PHE A 345 -7.93 -19.34 -7.89
N ILE A 346 -8.11 -18.47 -8.89
CA ILE A 346 -8.39 -18.94 -10.27
C ILE A 346 -7.15 -19.60 -10.85
N LEU A 347 -5.95 -19.04 -10.69
CA LEU A 347 -4.67 -19.75 -11.02
C LEU A 347 -4.62 -21.12 -10.31
N ASP A 348 -4.98 -21.16 -9.02
CA ASP A 348 -4.97 -22.44 -8.26
C ASP A 348 -5.94 -23.41 -8.94
N GLU A 349 -7.17 -22.96 -9.21
CA GLU A 349 -8.21 -23.79 -9.86
C GLU A 349 -7.71 -24.28 -11.21
N LEU A 350 -7.07 -23.40 -11.96
CA LEU A 350 -6.64 -23.63 -13.36
C LEU A 350 -5.61 -24.77 -13.38
N ARG A 351 -4.59 -24.73 -12.51
CA ARG A 351 -3.53 -25.77 -12.51
C ARG A 351 -4.12 -27.07 -11.93
N LYS A 352 -5.05 -26.98 -10.97
CA LYS A 352 -5.66 -28.20 -10.34
C LYS A 352 -6.51 -28.92 -11.39
N LYS A 353 -7.34 -28.18 -12.11
CA LYS A 353 -8.29 -28.73 -13.11
C LYS A 353 -7.48 -29.29 -14.29
N SER A 354 -6.38 -28.63 -14.62
CA SER A 354 -5.43 -29.06 -15.68
C SER A 354 -4.88 -30.45 -15.34
N LYS A 355 -4.38 -30.62 -14.11
CA LYS A 355 -3.79 -31.87 -13.56
C LYS A 355 -4.94 -32.93 -13.57
N GLU A 356 -6.17 -32.55 -13.22
CA GLU A 356 -7.29 -33.50 -13.00
C GLU A 356 -7.84 -34.05 -14.34
N GLU A 357 -7.90 -33.25 -15.40
CA GLU A 357 -8.28 -33.77 -16.73
C GLU A 357 -7.03 -33.96 -17.60
N LYS A 358 -5.89 -34.23 -16.95
CA LYS A 358 -4.70 -34.82 -17.64
C LYS A 358 -4.36 -33.95 -18.86
N LYS A 359 -4.45 -32.62 -18.72
CA LYS A 359 -3.98 -31.66 -19.75
C LYS A 359 -2.44 -31.62 -19.71
N LEU A 360 -1.81 -31.06 -20.74
CA LEU A 360 -0.33 -31.20 -20.91
C LEU A 360 0.42 -30.04 -20.24
N THR A 361 -0.29 -29.00 -19.79
CA THR A 361 0.31 -27.82 -19.11
C THR A 361 -0.60 -27.37 -17.97
N THR A 362 -0.04 -26.57 -17.06
CA THR A 362 -0.74 -25.99 -15.88
C THR A 362 -1.76 -24.95 -16.34
N GLY A 363 -1.71 -24.52 -17.62
CA GLY A 363 -2.70 -23.58 -18.20
C GLY A 363 -3.67 -24.27 -19.15
N ASP A 364 -4.28 -25.38 -18.73
CA ASP A 364 -5.35 -26.09 -19.48
C ASP A 364 -4.79 -26.56 -20.84
N GLY A 365 -3.51 -26.92 -20.89
CA GLY A 365 -2.82 -27.44 -22.09
C GLY A 365 -2.39 -26.35 -23.05
N LYS A 366 -2.68 -25.08 -22.76
CA LYS A 366 -2.22 -23.94 -23.58
C LYS A 366 -0.84 -23.47 -23.08
N GLU A 367 -0.13 -22.72 -23.92
CA GLU A 367 1.26 -22.28 -23.63
C GLU A 367 1.23 -20.90 -22.94
N TRP A 368 0.41 -19.99 -23.44
CA TRP A 368 0.36 -18.57 -23.03
C TRP A 368 -0.97 -18.32 -22.35
N GLY A 369 -0.95 -17.44 -21.35
CA GLY A 369 -2.12 -17.02 -20.59
C GLY A 369 -1.94 -15.61 -20.06
N CYS A 370 -2.96 -15.12 -19.37
CA CYS A 370 -3.07 -13.72 -18.89
CA CYS A 370 -2.90 -13.78 -18.77
C CYS A 370 -3.87 -13.72 -17.59
N LEU A 371 -3.43 -12.96 -16.59
CA LEU A 371 -4.22 -12.71 -15.37
C LEU A 371 -4.72 -11.27 -15.47
N ILE A 372 -6.02 -11.04 -15.29
CA ILE A 372 -6.62 -9.69 -15.45
C ILE A 372 -7.22 -9.24 -14.11
N GLY A 373 -6.57 -8.28 -13.45
CA GLY A 373 -7.13 -7.54 -12.29
C GLY A 373 -7.93 -6.36 -12.77
N LEU A 374 -9.12 -6.13 -12.19
CA LEU A 374 -10.06 -5.05 -12.57
C LEU A 374 -10.48 -4.31 -11.30
N GLY A 375 -10.42 -2.98 -11.29
CA GLY A 375 -10.80 -2.21 -10.09
C GLY A 375 -10.86 -0.69 -10.32
N PRO A 376 -10.91 0.11 -9.24
CA PRO A 376 -11.11 1.55 -9.36
C PRO A 376 -10.08 2.25 -10.24
N GLY A 377 -10.51 3.33 -10.89
CA GLY A 377 -9.67 4.12 -11.82
C GLY A 377 -10.45 4.67 -13.00
N LEU A 378 -10.93 3.79 -13.89
CA LEU A 378 -10.84 2.35 -13.75
C LEU A 378 -9.45 1.88 -14.12
N THR A 379 -8.95 0.85 -13.41
CA THR A 379 -7.61 0.27 -13.60
C THR A 379 -7.73 -1.15 -14.13
N VAL A 380 -6.90 -1.51 -15.11
CA VAL A 380 -6.67 -2.92 -15.53
C VAL A 380 -5.23 -3.28 -15.24
N GLU A 381 -5.03 -4.32 -14.42
CA GLU A 381 -3.72 -5.02 -14.27
C GLU A 381 -3.73 -6.21 -15.24
N THR A 382 -2.68 -6.32 -16.06
CA THR A 382 -2.48 -7.40 -17.05
C THR A 382 -1.14 -8.08 -16.75
N VAL A 383 -1.19 -9.32 -16.26
CA VAL A 383 0.01 -10.17 -16.08
C VAL A 383 0.06 -11.19 -17.22
N VAL A 384 1.09 -11.09 -18.07
CA VAL A 384 1.32 -12.08 -19.16
C VAL A 384 2.02 -13.27 -18.49
N LEU A 385 1.44 -14.45 -18.68
CA LEU A 385 1.92 -15.70 -18.07
C LEU A 385 2.29 -16.70 -19.17
N ARG A 386 3.19 -17.61 -18.82
CA ARG A 386 3.42 -18.87 -19.57
C ARG A 386 3.09 -20.02 -18.63
N SER A 387 2.49 -21.07 -19.19
CA SER A 387 2.24 -22.35 -18.50
C SER A 387 3.57 -23.10 -18.31
N VAL A 388 3.52 -24.17 -17.54
CA VAL A 388 4.62 -25.15 -17.33
C VAL A 388 4.03 -26.50 -17.70
N PRO A 389 4.77 -27.36 -18.43
CA PRO A 389 4.37 -28.75 -18.62
C PRO A 389 4.13 -29.48 -17.29
N ILE A 390 3.03 -30.22 -17.17
CA ILE A 390 2.64 -30.99 -15.94
C ILE A 390 3.79 -31.91 -15.51
N ALA A 391 4.55 -32.48 -16.45
CA ALA A 391 5.71 -33.35 -16.18
C ALA A 391 6.66 -32.66 -15.19
N ALA A 392 7.05 -31.41 -15.47
CA ALA A 392 8.00 -30.58 -14.69
C ALA A 392 7.33 -29.84 -13.52
N ALA A 393 6.00 -29.68 -13.52
CA ALA A 393 5.24 -28.87 -12.52
C ALA A 393 4.73 -29.75 -11.37
N ALA A 394 4.22 -30.94 -11.68
CA ALA A 394 3.60 -31.86 -10.70
C ALA A 394 4.66 -32.77 -10.07
N LEU A 395 4.23 -33.65 -9.16
CA LEU A 395 4.97 -34.88 -8.76
C LEU A 395 3.98 -35.98 -8.38
N ARG B 15 23.37 -2.62 -17.14
CA ARG B 15 22.38 -2.10 -16.15
C ARG B 15 23.10 -1.76 -14.84
N GLY B 16 22.82 -0.57 -14.29
CA GLY B 16 23.45 -0.04 -13.07
C GLY B 16 22.45 0.20 -11.95
N SER B 17 22.94 0.83 -10.88
CA SER B 17 22.18 1.21 -9.68
C SER B 17 21.16 2.30 -9.99
N ALA B 18 20.01 2.23 -9.33
CA ALA B 18 19.00 3.31 -9.31
C ALA B 18 19.66 4.57 -8.74
N ASN B 19 19.45 5.71 -9.39
CA ASN B 19 19.94 7.04 -8.94
C ASN B 19 18.74 7.93 -8.63
N VAL B 20 18.89 8.82 -7.66
CA VAL B 20 18.08 10.07 -7.54
C VAL B 20 18.54 11.02 -8.66
N LEU B 21 17.60 11.45 -9.51
CA LEU B 21 17.83 12.37 -10.66
C LEU B 21 17.29 13.76 -10.35
N ALA B 22 16.40 13.86 -9.36
CA ALA B 22 15.74 15.12 -8.95
C ALA B 22 15.00 14.93 -7.64
N ILE B 23 14.93 16.00 -6.85
CA ILE B 23 14.15 16.10 -5.59
C ILE B 23 13.35 17.40 -5.62
N GLY B 24 12.09 17.34 -5.21
CA GLY B 24 11.23 18.52 -5.10
C GLY B 24 10.42 18.45 -3.83
N THR B 25 10.10 19.61 -3.25
CA THR B 25 9.33 19.70 -1.99
C THR B 25 8.20 20.72 -2.13
N ALA B 26 7.18 20.57 -1.30
CA ALA B 26 6.06 21.54 -1.19
C ALA B 26 5.47 21.48 0.21
N ASN B 27 4.89 22.61 0.64
CA ASN B 27 4.16 22.72 1.93
C ASN B 27 2.97 23.64 1.71
N PRO B 28 1.86 23.43 2.45
CA PRO B 28 0.74 24.38 2.40
C PRO B 28 1.21 25.73 2.91
N PRO B 29 0.54 26.83 2.49
CA PRO B 29 1.03 28.18 2.76
C PRO B 29 0.93 28.65 4.23
N ASN B 30 -0.06 28.17 4.99
CA ASN B 30 -0.32 28.68 6.35
C ASN B 30 0.67 28.07 7.34
N VAL B 31 1.42 28.95 8.00
CA VAL B 31 2.50 28.61 8.97
C VAL B 31 2.04 29.04 10.36
N ILE B 32 2.17 28.14 11.34
CA ILE B 32 2.06 28.52 12.77
C ILE B 32 3.42 28.27 13.43
N LEU B 33 3.99 29.33 13.99
CA LEU B 33 5.27 29.28 14.74
C LEU B 33 5.04 28.48 16.03
N GLN B 34 6.04 27.73 16.47
CA GLN B 34 5.95 26.86 17.67
C GLN B 34 5.71 27.75 18.89
N GLU B 35 6.30 28.94 18.96
CA GLU B 35 6.06 29.92 20.06
C GLU B 35 4.56 30.27 20.14
N ASP B 36 3.84 30.27 19.01
CA ASP B 36 2.38 30.59 18.96
C ASP B 36 1.51 29.33 19.15
N TYR B 37 2.05 28.10 19.06
CA TYR B 37 1.24 26.89 18.78
C TYR B 37 0.41 26.48 19.99
N PRO B 38 0.97 26.39 21.23
CA PRO B 38 0.16 26.06 22.41
C PRO B 38 -1.08 26.96 22.60
N ASP B 39 -0.94 28.29 22.44
CA ASP B 39 -2.10 29.22 22.56
C ASP B 39 -3.12 28.85 21.46
N PHE B 40 -2.66 28.69 20.22
CA PHE B 40 -3.51 28.30 19.06
C PHE B 40 -4.25 26.99 19.36
N TYR B 41 -3.50 25.94 19.72
CA TYR B 41 -4.01 24.55 19.92
C TYR B 41 -5.10 24.54 20.98
N PHE B 42 -4.84 25.11 22.17
CA PHE B 42 -5.76 25.07 23.34
C PHE B 42 -6.98 25.96 23.06
N LYS B 43 -6.82 27.01 22.25
CA LYS B 43 -7.95 27.91 21.87
C LYS B 43 -8.91 27.17 20.93
N VAL B 44 -8.42 26.67 19.79
CA VAL B 44 -9.29 26.12 18.70
C VAL B 44 -9.84 24.74 19.11
N THR B 45 -9.34 24.12 20.19
CA THR B 45 -9.92 22.87 20.77
C THR B 45 -10.76 23.17 22.01
N ASN B 46 -11.08 24.45 22.26
CA ASN B 46 -11.87 24.94 23.42
C ASN B 46 -11.42 24.22 24.71
N SER B 47 -10.11 24.19 24.97
CA SER B 47 -9.51 23.39 26.08
C SER B 47 -8.73 24.29 27.06
N GLU B 48 -8.96 25.62 27.01
CA GLU B 48 -8.20 26.62 27.81
C GLU B 48 -8.41 26.37 29.31
N HIS B 49 -9.49 25.69 29.69
CA HIS B 49 -9.82 25.33 31.10
C HIS B 49 -8.83 24.28 31.64
N LEU B 50 -8.13 23.53 30.78
CA LEU B 50 -7.20 22.43 31.19
C LEU B 50 -5.77 22.98 31.32
N THR B 51 -5.53 23.71 32.42
CA THR B 51 -4.30 24.49 32.72
C THR B 51 -3.06 23.59 32.79
N ASP B 52 -3.18 22.42 33.40
CA ASP B 52 -2.07 21.45 33.57
C ASP B 52 -1.60 20.94 32.21
N LEU B 53 -2.53 20.46 31.36
CA LEU B 53 -2.18 19.93 30.01
C LEU B 53 -1.55 21.05 29.18
N LYS B 54 -2.11 22.25 29.26
CA LYS B 54 -1.58 23.43 28.53
C LYS B 54 -0.16 23.73 29.04
N GLU B 55 0.07 23.65 30.34
CA GLU B 55 1.43 23.84 30.91
C GLU B 55 2.35 22.72 30.41
N LYS B 56 1.86 21.47 30.44
CA LYS B 56 2.62 20.27 30.00
C LYS B 56 3.02 20.44 28.53
N PHE B 57 2.11 20.98 27.72
CA PHE B 57 2.24 21.05 26.26
C PHE B 57 3.21 22.16 25.88
N LYS B 58 3.16 23.29 26.60
CA LYS B 58 4.10 24.42 26.44
C LYS B 58 5.54 23.95 26.71
N ARG B 59 5.75 23.08 27.69
CA ARG B 59 7.11 22.57 28.01
C ARG B 59 7.57 21.66 26.86
N ILE B 60 6.70 20.80 26.34
CA ILE B 60 7.03 19.88 25.21
C ILE B 60 7.42 20.71 23.98
N CYS B 61 6.68 21.77 23.69
CA CYS B 61 6.88 22.63 22.49
C CYS B 61 8.14 23.48 22.67
N VAL B 62 8.38 24.03 23.85
CA VAL B 62 9.62 24.81 24.15
C VAL B 62 10.82 23.90 23.91
N LYS B 63 10.68 22.58 24.10
CA LYS B 63 11.81 21.60 24.08
C LYS B 63 11.93 20.92 22.71
N SER B 64 10.96 21.12 21.82
CA SER B 64 10.78 20.34 20.55
C SER B 64 11.88 20.62 19.52
N LYS B 65 12.51 21.80 19.56
CA LYS B 65 13.45 22.29 18.51
C LYS B 65 12.79 22.23 17.13
N THR B 66 11.46 22.34 17.08
CA THR B 66 10.68 22.76 15.88
C THR B 66 10.31 24.23 16.06
N ARG B 67 10.79 25.08 15.15
CA ARG B 67 10.57 26.54 15.16
C ARG B 67 9.24 26.86 14.47
N LYS B 68 8.95 26.19 13.35
CA LYS B 68 7.73 26.45 12.53
C LYS B 68 7.26 25.17 11.82
N ARG B 69 5.98 25.18 11.47
CA ARG B 69 5.27 24.08 10.77
C ARG B 69 4.26 24.69 9.80
N HIS B 70 4.07 24.03 8.67
CA HIS B 70 2.99 24.31 7.68
C HIS B 70 1.83 23.35 7.97
N PHE B 71 0.60 23.87 7.91
CA PHE B 71 -0.65 23.07 8.05
C PHE B 71 -1.70 23.55 7.05
N TYR B 72 -2.35 22.60 6.38
CA TYR B 72 -3.59 22.85 5.63
C TYR B 72 -4.67 23.20 6.65
N LEU B 73 -4.73 22.45 7.75
CA LEU B 73 -5.70 22.73 8.85
C LEU B 73 -5.44 24.14 9.38
N THR B 74 -6.50 24.93 9.48
CA THR B 74 -6.53 26.30 10.03
C THR B 74 -7.70 26.40 10.99
N GLU B 75 -7.79 27.48 11.75
CA GLU B 75 -8.94 27.74 12.65
C GLU B 75 -10.24 27.65 11.84
N GLN B 76 -10.24 28.23 10.62
CA GLN B 76 -11.41 28.25 9.69
C GLN B 76 -11.83 26.81 9.37
N ILE B 77 -10.92 25.94 8.92
CA ILE B 77 -11.25 24.53 8.57
C ILE B 77 -11.83 23.82 9.80
N LEU B 78 -11.23 24.01 10.98
CA LEU B 78 -11.61 23.34 12.26
C LEU B 78 -12.97 23.85 12.73
N LYS B 79 -13.26 25.13 12.49
CA LYS B 79 -14.59 25.73 12.74
C LYS B 79 -15.65 25.02 11.88
N GLU B 80 -15.33 24.74 10.61
CA GLU B 80 -16.22 24.12 9.59
C GLU B 80 -16.35 22.60 9.84
N ASN B 81 -15.39 22.02 10.55
CA ASN B 81 -15.31 20.56 10.87
C ASN B 81 -15.05 20.37 12.36
N PRO B 82 -15.99 20.81 13.25
CA PRO B 82 -15.71 20.87 14.69
C PRO B 82 -15.36 19.53 15.37
N GLY B 83 -15.79 18.41 14.80
CA GLY B 83 -15.46 17.06 15.31
C GLY B 83 -13.95 16.81 15.33
N ILE B 84 -13.24 17.34 14.34
CA ILE B 84 -11.76 17.18 14.22
C ILE B 84 -11.11 17.74 15.50
N ALA B 85 -11.66 18.82 16.06
CA ALA B 85 -11.09 19.54 17.23
C ALA B 85 -11.69 19.04 18.57
N THR B 86 -12.53 18.01 18.55
CA THR B 86 -13.14 17.42 19.78
C THR B 86 -12.58 16.01 19.97
N TYR B 87 -11.74 15.80 20.99
CA TYR B 87 -11.06 14.50 21.21
C TYR B 87 -12.13 13.40 21.22
N GLY B 88 -12.04 12.43 20.30
CA GLY B 88 -12.84 11.19 20.32
C GLY B 88 -14.14 11.30 19.55
N ALA B 89 -14.48 12.47 19.04
CA ALA B 89 -15.70 12.71 18.22
C ALA B 89 -15.57 11.97 16.88
N GLY B 90 -16.68 11.47 16.35
CA GLY B 90 -16.72 10.94 14.97
C GLY B 90 -16.34 12.03 14.00
N SER B 91 -15.16 11.95 13.39
CA SER B 91 -14.60 13.03 12.52
C SER B 91 -13.99 12.51 11.23
N LEU B 92 -13.82 11.18 11.08
CA LEU B 92 -13.06 10.59 9.94
C LEU B 92 -13.65 11.03 8.60
N ASP B 93 -14.98 11.04 8.46
CA ASP B 93 -15.65 11.38 7.17
C ASP B 93 -15.11 12.75 6.72
N SER B 94 -15.05 13.71 7.61
CA SER B 94 -14.71 15.11 7.25
C SER B 94 -13.17 15.27 7.10
N ARG B 95 -12.37 14.50 7.84
CA ARG B 95 -10.91 14.36 7.59
C ARG B 95 -10.67 13.85 6.16
N GLN B 96 -11.40 12.83 5.72
CA GLN B 96 -11.22 12.19 4.38
C GLN B 96 -11.61 13.19 3.29
N LYS B 97 -12.68 13.96 3.47
CA LYS B 97 -13.16 14.96 2.46
C LYS B 97 -12.02 15.97 2.22
N ILE B 98 -11.28 16.32 3.26
CA ILE B 98 -10.06 17.19 3.15
C ILE B 98 -8.96 16.39 2.44
N LEU B 99 -8.62 15.22 3.00
CA LEU B 99 -7.39 14.47 2.66
C LEU B 99 -7.44 13.92 1.24
N GLU B 100 -8.63 13.49 0.78
CA GLU B 100 -8.80 12.82 -0.54
C GLU B 100 -8.30 13.73 -1.65
N THR B 101 -8.51 15.04 -1.56
CA THR B 101 -8.08 16.01 -2.60
C THR B 101 -6.79 16.73 -2.18
N GLU B 102 -6.57 17.08 -0.91
CA GLU B 102 -5.39 17.91 -0.52
C GLU B 102 -4.07 17.11 -0.64
N ILE B 103 -4.09 15.79 -0.48
CA ILE B 103 -2.83 14.98 -0.57
C ILE B 103 -2.34 14.94 -2.02
N PRO B 104 -3.13 14.46 -3.02
CA PRO B 104 -2.68 14.51 -4.42
C PRO B 104 -2.29 15.94 -4.85
N LYS B 105 -3.06 16.95 -4.44
CA LYS B 105 -2.82 18.38 -4.78
C LYS B 105 -1.42 18.81 -4.29
N LEU B 106 -1.08 18.53 -3.04
CA LEU B 106 0.24 18.89 -2.45
C LEU B 106 1.32 18.04 -3.11
N GLY B 107 1.06 16.74 -3.26
CA GLY B 107 1.94 15.81 -3.99
C GLY B 107 2.31 16.33 -5.37
N LYS B 108 1.31 16.79 -6.14
CA LYS B 108 1.53 17.33 -7.51
C LYS B 108 2.55 18.47 -7.48
N GLU B 109 2.44 19.37 -6.49
CA GLU B 109 3.33 20.56 -6.37
C GLU B 109 4.76 20.07 -6.15
N ALA B 110 4.97 19.13 -5.22
CA ALA B 110 6.28 18.51 -4.95
C ALA B 110 6.77 17.80 -6.22
N ALA B 111 5.88 17.08 -6.90
CA ALA B 111 6.21 16.35 -8.14
C ALA B 111 6.66 17.34 -9.25
N MET B 112 5.96 18.48 -9.42
CA MET B 112 6.32 19.51 -10.43
C MET B 112 7.76 20.00 -10.21
N VAL B 113 8.16 20.24 -8.96
CA VAL B 113 9.53 20.73 -8.63
C VAL B 113 10.56 19.68 -9.08
N ALA B 114 10.33 18.40 -8.80
CA ALA B 114 11.24 17.30 -9.22
C ALA B 114 11.29 17.23 -10.76
N ILE B 115 10.15 17.37 -11.43
CA ILE B 115 10.04 17.21 -12.91
C ILE B 115 10.77 18.38 -13.56
N GLN B 116 10.69 19.56 -12.97
CA GLN B 116 11.35 20.78 -13.49
C GLN B 116 12.86 20.59 -13.38
N GLU B 117 13.35 20.20 -12.20
CA GLU B 117 14.79 19.90 -12.03
C GLU B 117 15.21 18.86 -13.09
N TRP B 118 14.50 17.72 -13.12
CA TRP B 118 14.78 16.59 -14.05
C TRP B 118 14.90 17.08 -15.49
N GLY B 119 13.98 17.94 -15.94
CA GLY B 119 14.09 18.65 -17.24
C GLY B 119 13.67 17.78 -18.42
N GLN B 120 13.04 16.63 -18.15
CA GLN B 120 12.53 15.69 -19.18
C GLN B 120 11.01 15.80 -19.25
N PRO B 121 10.38 15.49 -20.41
CA PRO B 121 8.93 15.47 -20.51
C PRO B 121 8.32 14.37 -19.60
N VAL B 122 7.10 14.60 -19.12
CA VAL B 122 6.41 13.69 -18.15
C VAL B 122 6.09 12.37 -18.86
N SER B 123 6.00 12.36 -20.19
CA SER B 123 5.75 11.11 -20.98
C SER B 123 6.92 10.12 -20.81
N LYS B 124 8.07 10.54 -20.27
CA LYS B 124 9.18 9.58 -19.96
C LYS B 124 8.97 8.89 -18.60
N ILE B 125 8.03 9.35 -17.77
CA ILE B 125 7.72 8.70 -16.47
C ILE B 125 6.98 7.39 -16.77
N THR B 126 7.51 6.28 -16.27
CA THR B 126 7.00 4.91 -16.54
C THR B 126 6.30 4.34 -15.30
N HIS B 127 6.65 4.84 -14.12
CA HIS B 127 6.18 4.30 -12.81
C HIS B 127 5.91 5.46 -11.84
N VAL B 128 4.98 5.23 -10.92
CA VAL B 128 4.62 6.19 -9.83
C VAL B 128 4.59 5.39 -8.53
N VAL B 129 5.37 5.84 -7.55
CA VAL B 129 5.32 5.35 -6.15
C VAL B 129 4.85 6.52 -5.29
N PHE B 130 3.70 6.35 -4.64
CA PHE B 130 3.08 7.36 -3.76
C PHE B 130 3.01 6.75 -2.36
N ALA B 131 3.52 7.47 -1.35
CA ALA B 131 3.40 7.09 0.08
C ALA B 131 2.65 8.16 0.85
N THR B 132 1.60 7.75 1.58
CA THR B 132 0.94 8.59 2.60
C THR B 132 0.20 7.73 3.62
N THR B 133 0.02 8.29 4.81
CA THR B 133 -0.87 7.80 5.87
C THR B 133 -1.97 8.85 6.15
N SER B 134 -2.01 9.92 5.37
CA SER B 134 -2.94 11.06 5.52
C SER B 134 -4.16 10.85 4.61
N GLY B 135 -5.02 9.92 5.02
CA GLY B 135 -6.26 9.62 4.29
C GLY B 135 -6.01 8.63 3.17
N PHE B 136 -7.09 8.08 2.66
CA PHE B 136 -7.08 7.00 1.64
C PHE B 136 -8.49 6.89 1.05
N MET B 137 -8.56 6.62 -0.25
CA MET B 137 -9.81 6.28 -0.96
C MET B 137 -9.47 5.43 -2.18
N MET B 138 -10.47 4.94 -2.88
CA MET B 138 -10.27 4.25 -4.16
C MET B 138 -11.02 5.01 -5.24
N PRO B 139 -10.37 5.31 -6.40
CA PRO B 139 -8.94 5.09 -6.57
C PRO B 139 -8.11 6.04 -5.70
N GLY B 140 -6.81 5.74 -5.55
CA GLY B 140 -5.92 6.34 -4.55
C GLY B 140 -5.17 7.56 -5.07
N ALA B 141 -4.28 8.11 -4.24
CA ALA B 141 -3.54 9.36 -4.52
C ALA B 141 -2.65 9.14 -5.74
N ASP B 142 -2.23 7.90 -5.98
CA ASP B 142 -1.41 7.48 -7.14
C ASP B 142 -2.18 7.75 -8.45
N TYR B 143 -3.46 7.36 -8.49
CA TYR B 143 -4.40 7.64 -9.60
C TYR B 143 -4.51 9.16 -9.80
N SER B 144 -4.85 9.85 -8.71
CA SER B 144 -5.13 11.31 -8.69
C SER B 144 -3.91 12.09 -9.21
N ILE B 145 -2.70 11.78 -8.73
CA ILE B 145 -1.50 12.57 -9.16
C ILE B 145 -1.18 12.26 -10.63
N THR B 146 -1.50 11.05 -11.11
CA THR B 146 -1.31 10.61 -12.52
C THR B 146 -2.21 11.47 -13.42
N ARG B 147 -3.46 11.67 -13.00
CA ARG B 147 -4.47 12.49 -13.72
C ARG B 147 -4.04 13.95 -13.68
N LEU B 148 -3.61 14.45 -12.51
CA LEU B 148 -3.27 15.89 -12.34
C LEU B 148 -2.02 16.24 -13.16
N LEU B 149 -1.04 15.34 -13.25
CA LEU B 149 0.20 15.60 -14.03
C LEU B 149 0.02 15.24 -15.51
N GLY B 150 -1.11 14.67 -15.92
CA GLY B 150 -1.31 14.16 -17.29
C GLY B 150 -0.26 13.13 -17.65
N LEU B 151 0.11 12.25 -16.71
CA LEU B 151 1.08 11.15 -16.97
C LEU B 151 0.44 10.16 -17.94
N ASN B 152 1.25 9.41 -18.67
CA ASN B 152 0.77 8.29 -19.53
C ASN B 152 -0.20 7.44 -18.72
N PRO B 153 -1.38 7.07 -19.28
CA PRO B 153 -2.33 6.23 -18.55
C PRO B 153 -1.80 4.84 -18.19
N ASN B 154 -0.73 4.38 -18.84
CA ASN B 154 -0.19 3.02 -18.61
C ASN B 154 1.03 3.08 -17.68
N VAL B 155 1.17 4.14 -16.87
CA VAL B 155 2.22 4.19 -15.81
C VAL B 155 1.95 3.06 -14.82
N ARG B 156 3.00 2.38 -14.38
CA ARG B 156 2.89 1.29 -13.40
C ARG B 156 2.97 1.88 -11.99
N ARG B 157 1.85 1.83 -11.25
CA ARG B 157 1.66 2.55 -9.96
C ARG B 157 1.80 1.61 -8.76
N VAL B 158 2.48 2.09 -7.73
CA VAL B 158 2.56 1.43 -6.40
C VAL B 158 2.13 2.46 -5.36
N MET B 159 0.92 2.28 -4.82
CA MET B 159 0.31 3.15 -3.80
C MET B 159 0.68 2.55 -2.44
N ILE B 160 1.38 3.31 -1.61
CA ILE B 160 1.85 2.83 -0.27
C ILE B 160 1.09 3.61 0.79
N TYR B 161 -0.01 3.05 1.28
CA TYR B 161 -0.86 3.66 2.32
C TYR B 161 -0.44 3.09 3.68
N ASN B 162 -0.36 3.96 4.69
CA ASN B 162 -0.47 3.62 6.13
C ASN B 162 0.77 2.88 6.60
N GLN B 163 1.92 3.19 6.04
CA GLN B 163 3.22 2.71 6.54
C GLN B 163 3.90 3.78 7.42
N GLY B 164 3.18 4.83 7.83
CA GLY B 164 3.69 5.83 8.79
C GLY B 164 5.09 6.35 8.43
N CYS B 165 5.89 6.65 9.46
CA CYS B 165 7.11 7.51 9.43
C CYS B 165 8.33 6.77 8.85
N PHE B 166 8.20 5.49 8.50
CA PHE B 166 9.27 4.75 7.77
C PHE B 166 8.97 4.71 6.26
N ALA B 167 7.84 5.23 5.80
CA ALA B 167 7.35 5.01 4.41
C ALA B 167 8.23 5.73 3.37
N GLY B 168 8.96 6.79 3.75
CA GLY B 168 9.99 7.40 2.88
C GLY B 168 11.03 6.38 2.46
N GLY B 169 11.54 5.58 3.41
CA GLY B 169 12.45 4.46 3.13
C GLY B 169 11.82 3.42 2.21
N THR B 170 10.59 2.99 2.52
CA THR B 170 9.81 2.00 1.74
C THR B 170 9.67 2.46 0.28
N ALA B 171 9.33 3.74 0.08
CA ALA B 171 9.11 4.33 -1.25
C ALA B 171 10.37 4.18 -2.09
N LEU B 172 11.52 4.53 -1.52
CA LEU B 172 12.81 4.47 -2.22
C LEU B 172 13.18 3.03 -2.52
N ARG B 173 12.91 2.11 -1.59
CA ARG B 173 13.26 0.68 -1.74
C ARG B 173 12.42 0.09 -2.88
N VAL B 174 11.16 0.51 -2.96
CA VAL B 174 10.27 0.03 -4.06
C VAL B 174 10.78 0.64 -5.37
N ALA B 175 10.99 1.96 -5.43
CA ALA B 175 11.50 2.65 -6.65
C ALA B 175 12.80 1.99 -7.13
N LYS B 176 13.65 1.60 -6.20
CA LYS B 176 14.97 0.98 -6.52
C LYS B 176 14.74 -0.26 -7.38
N ASP B 177 13.81 -1.13 -6.97
CA ASP B 177 13.58 -2.43 -7.65
C ASP B 177 12.85 -2.14 -8.97
N LEU B 178 11.87 -1.21 -8.98
CA LEU B 178 11.17 -0.82 -10.23
C LEU B 178 12.19 -0.28 -11.24
N ALA B 179 13.04 0.65 -10.82
CA ALA B 179 14.03 1.35 -11.68
C ALA B 179 15.04 0.35 -12.26
N GLU B 180 15.54 -0.55 -11.41
CA GLU B 180 16.70 -1.41 -11.74
C GLU B 180 16.27 -2.61 -12.59
N ASN B 181 15.00 -3.03 -12.47
CA ASN B 181 14.51 -4.27 -13.14
C ASN B 181 13.90 -3.91 -14.50
N ASN B 182 13.73 -2.63 -14.82
CA ASN B 182 12.98 -2.22 -16.03
C ASN B 182 13.84 -1.21 -16.78
N LYS B 183 14.46 -1.64 -17.86
CA LYS B 183 15.37 -0.82 -18.71
C LYS B 183 14.66 0.48 -19.12
N GLY B 184 15.28 1.64 -18.87
CA GLY B 184 14.73 2.94 -19.30
C GLY B 184 13.64 3.46 -18.37
N ALA B 185 13.26 2.71 -17.33
CA ALA B 185 12.21 3.13 -16.38
C ALA B 185 12.63 4.41 -15.63
N ARG B 186 11.71 5.36 -15.55
CA ARG B 186 11.83 6.55 -14.69
C ARG B 186 10.63 6.55 -13.73
N VAL B 187 10.94 6.52 -12.44
CA VAL B 187 9.94 6.37 -11.36
C VAL B 187 9.74 7.73 -10.70
N LEU B 188 8.51 8.22 -10.71
CA LEU B 188 8.10 9.39 -9.88
C LEU B 188 7.72 8.84 -8.51
N VAL B 189 8.48 9.24 -7.49
CA VAL B 189 8.24 8.89 -6.07
C VAL B 189 7.68 10.15 -5.41
N VAL B 190 6.55 10.03 -4.73
CA VAL B 190 5.89 11.15 -4.01
C VAL B 190 5.56 10.65 -2.62
N CYS B 191 6.02 11.37 -1.60
CA CYS B 191 5.63 11.22 -0.18
C CYS B 191 4.90 12.49 0.23
N ALA B 192 3.74 12.38 0.87
CA ALA B 192 2.94 13.54 1.29
C ALA B 192 2.19 13.20 2.59
N GLU B 193 2.16 14.15 3.51
CA GLU B 193 1.41 13.98 4.78
C GLU B 193 0.64 15.28 5.07
N ASN B 194 -0.45 15.13 5.80
CA ASN B 194 -1.43 16.20 6.09
C ASN B 194 -2.03 15.87 7.46
N THR B 195 -1.84 16.73 8.46
CA THR B 195 -2.23 16.47 9.89
C THR B 195 -3.76 16.44 10.06
N ALA B 196 -4.54 16.68 9.00
CA ALA B 196 -6.01 16.41 9.02
C ALA B 196 -6.27 14.96 9.50
N MET B 197 -5.32 14.03 9.31
CA MET B 197 -5.50 12.60 9.70
C MET B 197 -5.17 12.40 11.19
N THR B 198 -4.31 13.23 11.77
CA THR B 198 -3.68 12.97 13.09
C THR B 198 -4.11 14.00 14.14
N PHE B 199 -4.61 15.18 13.76
CA PHE B 199 -5.03 16.22 14.72
C PHE B 199 -6.04 15.66 15.73
N HIS B 200 -5.72 15.78 17.01
CA HIS B 200 -6.65 15.49 18.12
C HIS B 200 -6.60 16.64 19.11
N GLY B 201 -7.76 17.03 19.67
CA GLY B 201 -7.86 17.85 20.89
C GLY B 201 -7.15 17.17 22.06
N PRO B 202 -6.85 17.90 23.15
CA PRO B 202 -6.17 17.32 24.30
C PRO B 202 -7.16 16.60 25.25
N ASN B 203 -6.62 15.65 25.99
CA ASN B 203 -7.37 14.76 26.91
C ASN B 203 -6.36 14.17 27.91
N GLU B 204 -6.71 14.23 29.20
CA GLU B 204 -5.84 13.80 30.34
C GLU B 204 -5.42 12.34 30.15
N ASN B 205 -6.28 11.49 29.56
CA ASN B 205 -6.09 10.02 29.45
C ASN B 205 -5.14 9.66 28.30
N HIS B 206 -4.96 10.56 27.33
CA HIS B 206 -4.19 10.26 26.08
C HIS B 206 -3.16 11.36 25.83
N LEU B 207 -2.10 11.37 26.64
CA LEU B 207 -1.02 12.39 26.60
C LEU B 207 -0.12 12.17 25.37
N ASP B 208 -0.16 10.99 24.74
CA ASP B 208 0.58 10.67 23.48
C ASP B 208 0.23 11.73 22.43
N VAL B 209 -1.02 12.18 22.46
CA VAL B 209 -1.59 13.24 21.55
C VAL B 209 -0.73 14.50 21.65
N LEU B 210 -0.36 14.92 22.85
CA LEU B 210 0.48 16.13 23.09
C LEU B 210 1.84 15.96 22.39
N VAL B 211 2.41 14.75 22.42
CA VAL B 211 3.72 14.47 21.76
C VAL B 211 3.52 14.60 20.24
N GLY B 212 2.42 14.05 19.71
CA GLY B 212 2.06 14.20 18.29
C GLY B 212 1.85 15.66 17.90
N GLN B 213 1.07 16.40 18.66
CA GLN B 213 0.68 17.81 18.31
C GLN B 213 1.87 18.77 18.41
N ALA B 214 2.95 18.36 19.06
CA ALA B 214 4.20 19.13 19.19
C ALA B 214 5.05 19.01 17.91
N MET B 215 4.80 17.99 17.08
CA MET B 215 5.72 17.63 15.96
C MET B 215 5.01 17.46 14.61
N PHE B 216 3.83 16.84 14.52
CA PHE B 216 3.25 16.43 13.20
C PHE B 216 2.95 17.67 12.35
N SER B 217 3.26 17.62 11.07
CA SER B 217 3.14 18.78 10.14
C SER B 217 2.89 18.32 8.71
N ASP B 218 2.59 19.26 7.82
CA ASP B 218 2.17 19.01 6.42
C ASP B 218 3.38 19.20 5.50
N GLY B 219 3.51 18.32 4.52
CA GLY B 219 4.61 18.36 3.56
C GLY B 219 4.47 17.27 2.51
N ALA B 220 5.02 17.57 1.33
CA ALA B 220 5.16 16.62 0.23
C ALA B 220 6.58 16.75 -0.33
N ALA B 221 7.17 15.62 -0.66
CA ALA B 221 8.47 15.54 -1.32
C ALA B 221 8.31 14.57 -2.48
N ALA B 222 9.06 14.79 -3.54
CA ALA B 222 9.00 13.97 -4.76
C ALA B 222 10.42 13.72 -5.22
N LEU B 223 10.69 12.57 -5.86
CA LEU B 223 11.98 12.34 -6.55
C LEU B 223 11.70 11.78 -7.94
N ILE B 224 12.70 11.83 -8.81
CA ILE B 224 12.75 11.01 -10.04
C ILE B 224 13.89 10.03 -9.79
N ILE B 225 13.60 8.73 -9.87
CA ILE B 225 14.57 7.62 -9.74
C ILE B 225 14.72 6.99 -11.11
N GLY B 226 15.95 6.71 -11.51
CA GLY B 226 16.25 5.92 -12.72
C GLY B 226 17.61 5.29 -12.61
N ALA B 227 17.78 4.12 -13.21
CA ALA B 227 19.12 3.55 -13.45
C ALA B 227 19.58 4.04 -14.84
N ASN B 228 20.90 4.00 -15.09
CA ASN B 228 21.52 4.28 -16.41
C ASN B 228 21.12 5.68 -16.87
N PRO B 229 21.48 6.73 -16.10
CA PRO B 229 21.14 8.10 -16.46
C PRO B 229 21.77 8.47 -17.81
N ASN B 230 21.01 9.14 -18.67
CA ASN B 230 21.47 9.73 -19.96
C ASN B 230 22.23 11.03 -19.65
N LEU B 231 23.55 10.92 -19.50
CA LEU B 231 24.46 12.06 -19.20
C LEU B 231 24.66 12.85 -20.49
N PRO B 232 24.79 14.19 -20.44
CA PRO B 232 24.70 14.95 -19.18
C PRO B 232 23.36 15.66 -18.99
N GLU B 233 22.36 15.36 -19.82
CA GLU B 233 21.03 16.02 -19.74
C GLU B 233 20.26 15.52 -18.51
N GLU B 234 20.46 14.27 -18.08
CA GLU B 234 20.06 13.81 -16.72
C GLU B 234 21.26 13.98 -15.80
N ARG B 235 21.02 14.29 -14.52
CA ARG B 235 22.06 14.67 -13.55
C ARG B 235 21.78 13.95 -12.23
N PRO B 236 22.48 12.85 -11.92
CA PRO B 236 22.29 12.15 -10.66
C PRO B 236 22.70 13.02 -9.46
N VAL B 237 22.00 12.85 -8.35
CA VAL B 237 22.27 13.58 -7.08
C VAL B 237 22.76 12.58 -6.04
N TYR B 238 22.18 11.39 -6.00
CA TYR B 238 22.59 10.25 -5.15
C TYR B 238 22.44 8.93 -5.92
N GLU B 239 23.32 7.97 -5.62
CA GLU B 239 23.20 6.58 -6.07
C GLU B 239 22.60 5.80 -4.90
N MET B 240 21.58 5.00 -5.20
CA MET B 240 21.01 4.02 -4.23
C MET B 240 21.78 2.71 -4.37
N VAL B 241 22.53 2.31 -3.34
CA VAL B 241 23.39 1.10 -3.39
C VAL B 241 22.62 -0.12 -2.85
N ALA B 242 21.92 0.05 -1.75
CA ALA B 242 21.22 -1.05 -1.04
C ALA B 242 20.03 -0.46 -0.28
N ALA B 243 19.04 -1.28 0.01
CA ALA B 243 17.80 -0.89 0.71
C ALA B 243 17.34 -2.06 1.56
N HIS B 244 17.37 -1.89 2.89
CA HIS B 244 17.06 -2.92 3.90
C HIS B 244 15.81 -2.51 4.69
N GLN B 245 15.07 -3.50 5.19
CA GLN B 245 13.99 -3.30 6.18
C GLN B 245 14.19 -4.31 7.30
N THR B 246 14.02 -3.89 8.55
CA THR B 246 14.10 -4.81 9.69
C THR B 246 13.08 -4.45 10.77
N ILE B 247 12.63 -5.48 11.49
CA ILE B 247 11.80 -5.38 12.72
C ILE B 247 12.76 -5.42 13.90
N VAL B 248 12.66 -4.43 14.79
CA VAL B 248 13.55 -4.31 15.99
C VAL B 248 13.20 -5.45 16.94
N PRO B 249 14.19 -6.21 17.49
CA PRO B 249 13.91 -7.23 18.50
C PRO B 249 13.19 -6.67 19.75
N GLU B 250 12.25 -7.41 20.31
CA GLU B 250 11.59 -7.12 21.61
C GLU B 250 10.68 -5.88 21.51
N SER B 251 10.27 -5.47 20.31
CA SER B 251 9.60 -4.17 20.10
C SER B 251 8.10 -4.30 19.84
N ASP B 252 7.52 -5.51 19.85
CA ASP B 252 6.09 -5.66 19.45
C ASP B 252 5.22 -4.74 20.31
N GLY B 253 4.38 -3.92 19.68
CA GLY B 253 3.36 -3.09 20.33
C GLY B 253 3.91 -1.73 20.75
N ALA B 254 5.14 -1.38 20.38
CA ALA B 254 5.80 -0.15 20.85
C ALA B 254 5.11 1.08 20.24
N ILE B 255 4.80 1.04 18.95
CA ILE B 255 3.90 2.05 18.29
C ILE B 255 2.74 1.30 17.64
N VAL B 256 1.52 1.67 17.99
CA VAL B 256 0.26 1.12 17.41
C VAL B 256 -0.60 2.30 17.00
N ALA B 257 -1.09 2.30 15.76
CA ALA B 257 -2.07 3.29 15.28
C ALA B 257 -3.28 2.54 14.75
N HIS B 258 -4.47 2.99 15.14
CA HIS B 258 -5.76 2.46 14.64
C HIS B 258 -6.38 3.55 13.77
N PHE B 259 -7.02 3.16 12.68
CA PHE B 259 -7.80 4.05 11.80
C PHE B 259 -9.27 3.97 12.22
N TYR B 260 -9.61 4.84 13.17
CA TYR B 260 -10.90 4.79 13.91
C TYR B 260 -11.82 5.91 13.41
N GLU B 261 -13.02 5.95 13.96
CA GLU B 261 -14.06 6.94 13.60
C GLU B 261 -13.61 8.33 14.01
N MET B 262 -12.70 8.43 14.98
CA MET B 262 -12.13 9.72 15.49
C MET B 262 -10.90 10.12 14.67
N GLY B 263 -10.50 9.31 13.68
CA GLY B 263 -9.25 9.53 12.92
C GLY B 263 -8.14 8.58 13.35
N MET B 264 -6.89 8.89 13.02
CA MET B 264 -5.76 8.00 13.41
C MET B 264 -5.46 8.16 14.90
N SER B 265 -5.85 7.15 15.69
CA SER B 265 -5.62 7.09 17.16
C SER B 265 -4.33 6.29 17.38
N TYR B 266 -3.31 6.89 17.97
CA TYR B 266 -1.95 6.32 18.07
C TYR B 266 -1.55 6.24 19.54
N PHE B 267 -0.72 5.24 19.86
CA PHE B 267 -0.35 4.78 21.22
C PHE B 267 1.16 4.42 21.17
N LEU B 268 1.95 5.05 22.03
CA LEU B 268 3.43 4.92 22.08
C LEU B 268 3.82 4.36 23.45
N LYS B 269 4.66 3.33 23.51
CA LYS B 269 5.15 2.82 24.82
C LYS B 269 6.26 3.74 25.34
N GLU B 270 6.60 3.58 26.62
CA GLU B 270 7.68 4.38 27.28
C GLU B 270 9.00 4.19 26.50
N ASN B 271 9.25 2.97 26.02
CA ASN B 271 10.62 2.54 25.61
C ASN B 271 10.82 2.62 24.09
N VAL B 272 10.01 3.41 23.37
CA VAL B 272 10.13 3.57 21.88
C VAL B 272 11.54 4.05 21.54
N ILE B 273 12.01 5.12 22.18
CA ILE B 273 13.34 5.73 21.90
C ILE B 273 14.44 4.69 22.16
N PRO B 274 14.57 4.11 23.38
CA PRO B 274 15.61 3.10 23.62
C PRO B 274 15.50 1.80 22.80
N LEU B 275 14.31 1.39 22.39
CA LEU B 275 14.17 0.20 21.50
C LEU B 275 14.85 0.51 20.15
N PHE B 276 14.63 1.69 19.56
CA PHE B 276 15.38 2.14 18.36
C PHE B 276 16.88 2.27 18.68
N GLY B 277 17.22 3.02 19.74
CA GLY B 277 18.60 3.37 20.11
C GLY B 277 19.50 2.16 20.34
N ASN B 278 19.03 1.18 21.12
CA ASN B 278 19.84 -0.02 21.48
C ASN B 278 19.98 -0.95 20.28
N ASN B 279 19.34 -0.62 19.15
CA ASN B 279 19.34 -1.53 17.97
C ASN B 279 19.91 -0.87 16.72
N ILE B 280 20.03 0.46 16.67
CA ILE B 280 20.40 1.16 15.40
C ILE B 280 21.80 0.74 14.98
N GLU B 281 22.72 0.53 15.92
CA GLU B 281 24.11 0.15 15.58
C GLU B 281 24.10 -1.19 14.86
N ALA B 282 23.27 -2.15 15.29
CA ALA B 282 23.14 -3.46 14.60
C ALA B 282 22.67 -3.24 13.14
N CYS B 283 21.73 -2.32 12.91
CA CYS B 283 21.19 -1.95 11.58
C CYS B 283 22.29 -1.37 10.70
N MET B 284 23.15 -0.51 11.27
CA MET B 284 24.27 0.11 10.51
C MET B 284 25.32 -0.96 10.15
N GLU B 285 25.63 -1.89 11.05
CA GLU B 285 26.57 -3.02 10.77
C GLU B 285 25.99 -3.90 9.67
N ALA B 286 24.69 -4.22 9.75
CA ALA B 286 24.03 -5.09 8.76
C ALA B 286 24.18 -4.48 7.36
N ALA B 287 24.05 -3.16 7.25
CA ALA B 287 24.05 -2.41 5.98
C ALA B 287 25.46 -2.10 5.47
N PHE B 288 26.45 -1.91 6.35
CA PHE B 288 27.74 -1.28 5.96
C PHE B 288 28.93 -2.25 6.08
N LYS B 289 28.82 -3.33 6.84
CA LYS B 289 29.93 -4.32 7.04
C LYS B 289 30.49 -4.77 5.68
N GLU B 290 29.61 -5.11 4.73
CA GLU B 290 30.03 -5.74 3.44
C GLU B 290 30.84 -4.73 2.60
N TYR B 291 30.67 -3.42 2.81
CA TYR B 291 31.46 -2.36 2.13
C TYR B 291 32.60 -1.91 3.05
N GLY B 292 32.78 -2.60 4.17
CA GLY B 292 33.93 -2.42 5.09
C GLY B 292 33.89 -1.08 5.81
N ILE B 293 32.70 -0.60 6.21
CA ILE B 293 32.53 0.74 6.86
C ILE B 293 32.05 0.52 8.30
N SER B 294 32.74 1.12 9.29
CA SER B 294 32.40 1.04 10.74
C SER B 294 32.46 2.40 11.43
N ASP B 295 33.03 3.42 10.79
CA ASP B 295 33.08 4.81 11.32
C ASP B 295 31.79 5.51 10.89
N TRP B 296 30.85 5.66 11.81
CA TRP B 296 29.49 6.20 11.51
C TRP B 296 29.58 7.69 11.19
N ASN B 297 30.64 8.38 11.62
CA ASN B 297 30.82 9.83 11.33
C ASN B 297 31.47 10.02 9.96
N SER B 298 31.86 8.95 9.29
CA SER B 298 32.43 8.99 7.91
C SER B 298 31.30 9.15 6.89
N LEU B 299 30.05 9.09 7.36
CA LEU B 299 28.83 9.04 6.51
C LEU B 299 28.07 10.36 6.59
N PHE B 300 27.29 10.67 5.54
CA PHE B 300 26.21 11.69 5.57
C PHE B 300 24.87 10.99 5.90
N TYR B 301 23.92 11.74 6.46
CA TYR B 301 22.67 11.16 7.04
C TYR B 301 21.42 11.93 6.62
N SER B 302 20.36 11.15 6.39
CA SER B 302 18.95 11.55 6.42
C SER B 302 18.27 10.66 7.45
N VAL B 303 18.10 11.15 8.67
CA VAL B 303 17.43 10.38 9.75
C VAL B 303 16.03 10.94 9.89
N HIS B 304 15.03 10.07 9.86
CA HIS B 304 13.62 10.49 10.08
C HIS B 304 13.54 11.29 11.38
N PRO B 305 13.19 12.60 11.35
CA PRO B 305 13.12 13.43 12.54
C PRO B 305 11.76 13.30 13.25
N GLY B 306 11.50 12.12 13.82
CA GLY B 306 10.25 11.81 14.56
C GLY B 306 10.29 12.42 15.94
N GLY B 307 10.52 13.74 16.01
CA GLY B 307 10.75 14.48 17.25
C GLY B 307 12.24 14.55 17.61
N ARG B 308 12.58 15.41 18.56
CA ARG B 308 13.97 15.67 18.98
C ARG B 308 14.57 14.42 19.63
N ALA B 309 13.80 13.75 20.49
CA ALA B 309 14.27 12.62 21.33
C ALA B 309 14.77 11.47 20.44
N ILE B 310 14.07 11.16 19.34
CA ILE B 310 14.49 10.05 18.44
C ILE B 310 15.83 10.40 17.76
N VAL B 311 16.00 11.64 17.32
CA VAL B 311 17.23 12.07 16.61
C VAL B 311 18.40 12.07 17.60
N ASP B 312 18.15 12.55 18.82
CA ASP B 312 19.18 12.63 19.90
C ASP B 312 19.60 11.21 20.30
N GLY B 313 18.66 10.27 20.43
CA GLY B 313 18.96 8.89 20.85
C GLY B 313 19.82 8.16 19.83
N ILE B 314 19.50 8.30 18.55
CA ILE B 314 20.25 7.67 17.42
C ILE B 314 21.64 8.30 17.35
N ALA B 315 21.71 9.63 17.51
CA ALA B 315 22.98 10.39 17.57
C ALA B 315 23.88 9.85 18.67
N GLU B 316 23.37 9.75 19.90
CA GLU B 316 24.07 9.22 21.09
C GLU B 316 24.58 7.80 20.78
N LYS B 317 23.73 6.92 20.24
CA LYS B 317 24.08 5.49 20.07
C LYS B 317 25.08 5.27 18.93
N LEU B 318 25.05 6.08 17.86
CA LEU B 318 26.03 5.96 16.74
C LEU B 318 27.24 6.87 16.97
N GLY B 319 27.16 7.75 17.98
CA GLY B 319 28.18 8.78 18.23
C GLY B 319 28.23 9.84 17.14
N LEU B 320 27.07 10.17 16.54
CA LEU B 320 27.03 11.13 15.40
C LEU B 320 27.35 12.54 15.91
N ASP B 321 28.20 13.24 15.15
CA ASP B 321 28.62 14.63 15.43
C ASP B 321 27.58 15.60 14.87
N GLU B 322 27.72 16.86 15.26
CA GLU B 322 26.80 17.98 14.93
C GLU B 322 26.70 18.11 13.41
N GLU B 323 27.83 18.05 12.71
CA GLU B 323 27.93 18.20 11.24
C GLU B 323 27.01 17.17 10.56
N ASN B 324 27.06 15.92 10.97
CA ASN B 324 26.34 14.83 10.25
C ASN B 324 24.83 14.91 10.53
N LEU B 325 24.38 15.67 11.54
CA LEU B 325 22.93 15.72 11.85
C LEU B 325 22.32 17.10 11.57
N LYS B 326 23.09 18.04 11.03
CA LYS B 326 22.59 19.43 10.88
C LYS B 326 21.51 19.48 9.78
N ALA B 327 21.61 18.70 8.70
CA ALA B 327 20.55 18.60 7.66
C ALA B 327 19.28 18.05 8.31
N THR B 328 19.38 16.92 9.00
CA THR B 328 18.25 16.30 9.76
C THR B 328 17.63 17.33 10.70
N ARG B 329 18.46 18.01 11.49
CA ARG B 329 17.96 18.95 12.53
C ARG B 329 17.40 20.22 11.89
N HIS B 330 17.92 20.62 10.73
CA HIS B 330 17.40 21.82 10.02
C HIS B 330 15.95 21.56 9.59
N VAL B 331 15.67 20.40 9.01
CA VAL B 331 14.30 20.07 8.53
C VAL B 331 13.34 19.92 9.73
N LEU B 332 13.77 19.30 10.83
CA LEU B 332 12.94 19.20 12.07
C LEU B 332 12.56 20.62 12.53
N SER B 333 13.55 21.50 12.61
CA SER B 333 13.43 22.93 13.02
C SER B 333 12.47 23.67 12.08
N GLU B 334 12.65 23.56 10.77
CA GLU B 334 11.96 24.45 9.81
C GLU B 334 10.61 23.87 9.38
N TYR B 335 10.39 22.56 9.52
CA TYR B 335 9.20 21.88 8.94
C TYR B 335 8.44 21.06 9.98
N GLY B 336 9.12 20.50 10.97
CA GLY B 336 8.55 19.50 11.88
C GLY B 336 8.51 18.11 11.25
N ASN B 337 7.79 17.19 11.89
CA ASN B 337 7.64 15.77 11.48
C ASN B 337 6.53 15.69 10.44
N MET B 338 6.92 15.82 9.17
CA MET B 338 6.02 15.68 7.98
C MET B 338 5.90 14.21 7.58
N GLY B 339 6.15 13.28 8.50
CA GLY B 339 6.00 11.83 8.26
C GLY B 339 6.92 11.34 7.16
N SER B 340 6.37 10.63 6.18
CA SER B 340 7.17 9.94 5.12
C SER B 340 8.01 10.95 4.34
N ALA B 341 7.58 12.20 4.25
CA ALA B 341 8.22 13.23 3.39
C ALA B 341 9.57 13.66 3.96
N CYS B 342 9.75 13.62 5.29
CA CYS B 342 10.90 14.26 5.98
C CYS B 342 12.24 13.81 5.40
N VAL B 343 12.45 12.50 5.26
CA VAL B 343 13.78 11.94 4.86
C VAL B 343 14.15 12.49 3.48
N ILE B 344 13.15 12.87 2.66
CA ILE B 344 13.36 13.38 1.28
C ILE B 344 13.66 14.88 1.34
N PHE B 345 13.00 15.60 2.23
CA PHE B 345 13.35 17.01 2.53
C PHE B 345 14.82 17.06 2.98
N ILE B 346 15.22 16.10 3.81
CA ILE B 346 16.60 16.10 4.37
C ILE B 346 17.57 15.87 3.22
N LEU B 347 17.27 14.96 2.29
CA LEU B 347 18.14 14.71 1.12
C LEU B 347 18.26 16.01 0.32
N ASP B 348 17.15 16.70 0.09
CA ASP B 348 17.13 18.02 -0.62
C ASP B 348 18.06 19.00 0.10
N GLU B 349 17.82 19.24 1.40
CA GLU B 349 18.61 20.17 2.25
C GLU B 349 20.10 19.82 2.14
N LEU B 350 20.41 18.52 2.18
CA LEU B 350 21.80 18.00 2.23
C LEU B 350 22.52 18.41 0.94
N ARG B 351 21.91 18.23 -0.23
CA ARG B 351 22.59 18.56 -1.51
C ARG B 351 22.68 20.08 -1.66
N LYS B 352 21.68 20.83 -1.18
CA LYS B 352 21.67 22.31 -1.28
C LYS B 352 22.78 22.89 -0.39
N LYS B 353 22.77 22.51 0.89
CA LYS B 353 23.81 22.95 1.86
C LYS B 353 25.21 22.64 1.31
N SER B 354 25.36 21.47 0.66
CA SER B 354 26.66 20.97 0.14
C SER B 354 27.18 21.93 -0.95
N LYS B 355 26.28 22.35 -1.84
CA LYS B 355 26.57 23.34 -2.93
C LYS B 355 26.91 24.70 -2.30
N GLU B 356 26.11 25.15 -1.35
CA GLU B 356 26.23 26.46 -0.65
C GLU B 356 27.59 26.54 0.06
N GLU B 357 28.05 25.47 0.72
CA GLU B 357 29.31 25.45 1.52
C GLU B 357 30.48 24.97 0.67
N LYS B 358 30.26 24.74 -0.63
CA LYS B 358 31.34 24.48 -1.62
C LYS B 358 32.06 23.19 -1.24
N LYS B 359 31.29 22.15 -0.89
CA LYS B 359 31.80 20.80 -0.54
C LYS B 359 32.00 19.97 -1.80
N LEU B 360 32.78 18.89 -1.72
CA LEU B 360 33.20 18.10 -2.92
C LEU B 360 32.07 17.20 -3.40
N THR B 361 31.07 16.91 -2.58
CA THR B 361 29.99 15.94 -2.92
C THR B 361 28.63 16.44 -2.45
N THR B 362 27.57 15.92 -3.06
CA THR B 362 26.16 16.20 -2.70
C THR B 362 25.88 15.69 -1.29
N GLY B 363 26.77 14.85 -0.74
CA GLY B 363 26.69 14.27 0.61
C GLY B 363 27.55 15.00 1.63
N ASP B 364 27.58 16.32 1.59
CA ASP B 364 28.35 17.14 2.58
C ASP B 364 29.85 16.84 2.45
N GLY B 365 30.32 16.55 1.24
CA GLY B 365 31.73 16.21 0.97
C GLY B 365 32.04 14.74 1.24
N LYS B 366 31.11 13.96 1.81
CA LYS B 366 31.38 12.53 2.14
C LYS B 366 30.94 11.66 0.97
N GLU B 367 31.53 10.47 0.85
CA GLU B 367 31.28 9.53 -0.27
C GLU B 367 30.03 8.69 0.01
N TRP B 368 29.94 8.09 1.20
CA TRP B 368 28.87 7.15 1.57
C TRP B 368 27.90 7.82 2.54
N GLY B 369 26.65 7.37 2.49
CA GLY B 369 25.55 7.97 3.25
C GLY B 369 24.48 6.96 3.58
N CYS B 370 23.57 7.39 4.44
CA CYS B 370 22.52 6.55 5.05
C CYS B 370 21.24 7.37 5.19
N LEU B 371 20.15 6.88 4.59
CA LEU B 371 18.78 7.34 4.87
C LEU B 371 18.12 6.30 5.78
N ILE B 372 17.60 6.75 6.93
CA ILE B 372 16.99 5.88 7.97
C ILE B 372 15.54 6.30 8.14
N GLY B 373 14.63 5.42 7.75
CA GLY B 373 13.19 5.50 8.07
C GLY B 373 12.91 4.74 9.36
N LEU B 374 12.12 5.33 10.25
CA LEU B 374 11.78 4.77 11.58
C LEU B 374 10.27 4.84 11.75
N GLY B 375 9.64 3.74 12.18
CA GLY B 375 8.20 3.77 12.46
C GLY B 375 7.70 2.45 13.02
N PRO B 376 6.37 2.22 12.97
CA PRO B 376 5.75 1.11 13.67
C PRO B 376 6.30 -0.29 13.30
N GLY B 377 6.27 -1.18 14.29
CA GLY B 377 6.74 -2.58 14.15
C GLY B 377 7.43 -3.08 15.41
N LEU B 378 8.51 -2.42 15.85
CA LEU B 378 9.09 -1.23 15.26
C LEU B 378 9.85 -1.62 14.00
N THR B 379 9.82 -0.75 12.99
CA THR B 379 10.47 -0.97 11.67
C THR B 379 11.59 0.05 11.48
N VAL B 380 12.75 -0.43 11.00
CA VAL B 380 13.85 0.43 10.48
C VAL B 380 14.01 0.16 8.97
N GLU B 381 13.88 1.22 8.19
CA GLU B 381 14.24 1.27 6.75
C GLU B 381 15.63 1.88 6.66
N THR B 382 16.59 1.14 6.09
CA THR B 382 17.97 1.62 5.88
C THR B 382 18.26 1.63 4.40
N VAL B 383 18.40 2.81 3.81
CA VAL B 383 18.88 2.97 2.41
C VAL B 383 20.34 3.42 2.43
N VAL B 384 21.20 2.67 1.74
CA VAL B 384 22.64 3.02 1.59
C VAL B 384 22.78 3.88 0.34
N LEU B 385 23.34 5.07 0.49
CA LEU B 385 23.51 6.04 -0.61
C LEU B 385 25.00 6.28 -0.85
N ARG B 386 25.34 6.56 -2.10
CA ARG B 386 26.63 7.22 -2.47
C ARG B 386 26.29 8.63 -2.94
N SER B 387 27.16 9.58 -2.64
CA SER B 387 27.05 10.96 -3.17
C SER B 387 27.52 10.98 -4.62
N VAL B 388 27.38 12.14 -5.25
CA VAL B 388 27.96 12.45 -6.58
C VAL B 388 28.88 13.65 -6.38
N PRO B 389 29.99 13.76 -7.15
CA PRO B 389 30.85 14.95 -7.11
C PRO B 389 30.11 16.24 -7.48
N ILE B 390 30.43 17.35 -6.79
CA ILE B 390 30.00 18.73 -7.19
C ILE B 390 31.12 19.39 -7.98
N ALA B 391 32.38 19.26 -7.53
CA ALA B 391 33.61 19.73 -8.22
C ALA B 391 34.08 18.65 -9.21
N1 IMD C . -23.62 -8.81 -12.65
C2 IMD C . -22.75 -9.04 -11.72
N3 IMD C . -23.40 -9.49 -10.67
C4 IMD C . -24.70 -9.09 -10.80
C5 IMD C . -24.83 -8.63 -12.06
I IOD D . -21.21 -2.01 16.86
I IOD E . 7.12 -5.99 -17.87
I IOD F . -38.32 -0.68 -0.25
I IOD G . -24.83 -17.58 10.19
I IOD H . -29.52 -18.47 -6.27
C1 GOL I . -28.03 -11.74 -18.83
O1 GOL I . -29.01 -12.62 -19.36
C2 GOL I . -28.11 -11.63 -17.32
O2 GOL I . -27.20 -10.63 -16.88
C3 GOL I . -29.50 -11.34 -16.83
O3 GOL I . -30.37 -12.47 -16.94
C1 GOL J . -13.21 -4.78 -1.88
O1 GOL J . -12.02 -5.02 -2.62
C2 GOL J . -13.38 -5.78 -0.77
O2 GOL J . -12.88 -7.06 -1.17
C3 GOL J . -12.70 -5.37 0.53
O3 GOL J . -13.37 -5.86 1.68
C1 GOL K . -30.69 -8.55 14.55
O1 GOL K . -31.52 -7.73 15.36
C2 GOL K . -29.38 -7.87 14.22
O2 GOL K . -28.87 -7.19 15.37
C3 GOL K . -28.34 -8.84 13.69
O3 GOL K . -27.18 -8.18 13.21
N1 IMD L . -7.13 16.38 -6.33
C2 IMD L . -7.12 15.08 -6.55
N3 IMD L . -8.17 14.78 -7.27
C4 IMD L . -8.66 15.92 -7.82
C5 IMD L . -8.04 16.95 -7.18
I IOD M . 31.31 18.55 14.08
I IOD N . 22.63 18.74 -7.04
I IOD O . 19.67 -4.35 -1.63
I IOD P . 18.45 5.88 23.39
I IOD Q . -16.78 17.10 11.94
C1 GOL R . -1.47 23.34 -1.45
O1 GOL R . -0.41 24.27 -1.65
C2 GOL R . -2.13 23.53 -0.10
O2 GOL R . -3.33 24.30 -0.28
C3 GOL R . -2.46 22.24 0.61
O3 GOL R . -3.06 21.27 -0.25
#